data_1IBQ
#
_entry.id   1IBQ
#
_cell.length_a   82.190
_cell.length_b   36.620
_cell.length_c   104.940
_cell.angle_alpha   90.00
_cell.angle_beta   113.49
_cell.angle_gamma   90.00
#
_symmetry.space_group_name_H-M   'P 1 21 1'
#
loop_
_entity.id
_entity.type
_entity.pdbx_description
1 polymer ASPERGILLOPEPSIN
2 non-polymer alpha-D-mannopyranose
3 non-polymer 'ZINC ION'
4 water water
#
_entity_poly.entity_id   1
_entity_poly.type   'polypeptide(L)'
_entity_poly.pdbx_seq_one_letter_code
;SKGSAVTTPQNNDEEYLTPVTVGKSTLHLDFDTGSADLWVFSDELPSSEQTGHDLYTPSSSATKLSGYSWDISYGDGSSA
SGDVYRDTVTVGGVTTNKQAVEAASKISSEFVQDTANDGLLGLAFSSINTVQPKAQTTFFDTVKSQLDSPLFAVQLKHDA
PGVYDFGYIDDSKYTGSITYTDADSSQGYWGFSTDGYSIGDGSSSSSGFSAIADTGTTLILLDDEIVSAYYEQVSGAQES
YEAGGYVFSCSTDLPDFTVVIGDYKAVVPGKYINYAPVSTGSSTCYGGIQSNSGLGLSILGDVFLKSQYVVFNSEGPKLG
FAAQA
;
_entity_poly.pdbx_strand_id   A,B
#
loop_
_chem_comp.id
_chem_comp.type
_chem_comp.name
_chem_comp.formula
MAN D-saccharide, alpha linking alpha-D-mannopyranose 'C6 H12 O6'
ZN non-polymer 'ZINC ION' 'Zn 2'
#
# COMPACT_ATOMS: atom_id res chain seq x y z
N SER A 1 -0.99 -5.24 40.16
CA SER A 1 -1.21 -5.56 38.75
C SER A 1 -0.53 -4.57 37.80
N LYS A 2 0.12 -5.11 36.78
CA LYS A 2 0.80 -4.35 35.74
C LYS A 2 0.73 -5.11 34.42
N GLY A 3 1.02 -4.44 33.31
CA GLY A 3 0.98 -5.09 32.01
C GLY A 3 1.61 -4.28 30.89
N SER A 4 2.04 -4.97 29.84
CA SER A 4 2.61 -4.30 28.67
C SER A 4 2.08 -4.94 27.40
N ALA A 5 1.74 -4.11 26.42
CA ALA A 5 1.19 -4.58 25.15
C ALA A 5 1.97 -3.97 24.00
N VAL A 6 2.10 -4.72 22.89
CA VAL A 6 2.87 -4.25 21.75
C VAL A 6 2.02 -3.46 20.77
N THR A 7 2.63 -2.39 20.21
CA THR A 7 1.95 -1.54 19.25
C THR A 7 2.71 -1.47 17.93
N THR A 8 2.04 -1.80 16.82
CA THR A 8 2.66 -1.77 15.51
C THR A 8 2.06 -0.67 14.63
N PRO A 9 2.94 0.13 14.02
CA PRO A 9 2.52 1.24 13.15
C PRO A 9 2.10 0.80 11.77
N GLN A 10 1.18 1.61 11.18
CA GLN A 10 0.64 1.38 9.85
C GLN A 10 1.44 2.11 8.78
N ASN A 11 1.87 1.35 7.77
CA ASN A 11 2.61 1.92 6.66
C ASN A 11 3.79 2.76 7.17
N ASN A 12 3.66 4.08 7.02
CA ASN A 12 4.71 5.02 7.44
C ASN A 12 4.35 5.62 8.79
N ASP A 13 4.08 4.75 9.77
CA ASP A 13 3.77 5.22 11.10
C ASP A 13 2.67 6.30 11.05
N GLU A 14 1.50 5.97 10.53
CA GLU A 14 0.44 6.98 10.44
C GLU A 14 -0.61 6.76 11.53
N GLU A 15 -0.61 5.56 12.10
CA GLU A 15 -1.56 5.16 13.13
C GLU A 15 -1.08 3.87 13.79
N TYR A 16 -0.77 3.91 15.09
CA TYR A 16 -0.30 2.71 15.77
C TYR A 16 -1.46 1.92 16.38
N LEU A 17 -1.58 0.66 16.00
CA LEU A 17 -2.62 -0.22 16.53
C LEU A 17 -2.08 -1.17 17.60
N THR A 18 -2.95 -1.54 18.54
CA THR A 18 -2.59 -2.40 19.66
C THR A 18 -3.69 -3.42 19.94
N PRO A 19 -3.32 -4.69 20.07
CA PRO A 19 -4.35 -5.70 20.34
C PRO A 19 -4.97 -5.43 21.71
N VAL A 20 -6.29 -5.55 21.78
CA VAL A 20 -7.07 -5.33 22.99
C VAL A 20 -8.24 -6.30 23.00
N THR A 21 -8.41 -7.05 24.09
CA THR A 21 -9.55 -7.97 24.14
C THR A 21 -10.77 -7.22 24.66
N VAL A 22 -11.76 -7.03 23.80
CA VAL A 22 -13.00 -6.41 24.20
C VAL A 22 -14.09 -7.47 24.15
N GLY A 23 -14.68 -7.83 25.29
CA GLY A 23 -15.68 -8.89 25.30
C GLY A 23 -15.00 -10.23 25.07
N LYS A 24 -15.45 -11.01 24.11
CA LYS A 24 -14.78 -12.27 23.79
C LYS A 24 -13.89 -12.15 22.56
N SER A 25 -14.12 -11.12 21.76
CA SER A 25 -13.39 -10.87 20.53
C SER A 25 -12.14 -10.03 20.75
N THR A 26 -11.09 -10.35 20.01
CA THR A 26 -9.88 -9.56 20.07
C THR A 26 -9.86 -8.51 18.96
N LEU A 27 -9.65 -7.25 19.34
CA LEU A 27 -9.61 -6.15 18.38
C LEU A 27 -8.26 -5.46 18.39
N HIS A 28 -8.04 -4.64 17.36
CA HIS A 28 -6.80 -3.90 17.18
C HIS A 28 -7.12 -2.42 17.23
N LEU A 29 -6.93 -1.83 18.40
CA LEU A 29 -7.33 -0.45 18.63
C LEU A 29 -6.17 0.52 18.50
N ASP A 30 -6.57 1.76 18.27
CA ASP A 30 -5.65 2.89 18.18
C ASP A 30 -5.64 3.63 19.51
N PHE A 31 -4.51 3.58 20.20
CA PHE A 31 -4.40 4.25 21.50
C PHE A 31 -4.20 5.75 21.32
N ASP A 32 -5.17 6.51 21.83
CA ASP A 32 -5.15 7.95 21.69
C ASP A 32 -5.11 8.68 23.03
N THR A 33 -3.97 9.25 23.41
CA THR A 33 -3.92 10.02 24.65
C THR A 33 -4.57 11.40 24.49
N GLY A 34 -5.22 11.63 23.36
CA GLY A 34 -5.84 12.89 23.04
C GLY A 34 -7.35 12.87 23.20
N SER A 35 -7.94 11.70 23.38
CA SER A 35 -9.37 11.52 23.54
C SER A 35 -9.68 10.61 24.73
N ALA A 36 -10.93 10.53 25.15
CA ALA A 36 -11.33 9.78 26.34
C ALA A 36 -12.47 8.80 26.08
N ASP A 37 -12.71 8.45 24.83
CA ASP A 37 -13.74 7.45 24.52
C ASP A 37 -13.09 6.15 24.07
N LEU A 38 -13.73 5.03 24.39
CA LEU A 38 -13.32 3.72 23.92
C LEU A 38 -14.43 3.21 23.02
N TRP A 39 -14.29 3.37 21.70
CA TRP A 39 -15.34 2.86 20.82
C TRP A 39 -14.76 1.87 19.81
N VAL A 40 -15.60 0.91 19.43
CA VAL A 40 -15.26 -0.15 18.51
C VAL A 40 -16.35 -0.31 17.45
N PHE A 41 -16.03 -1.07 16.40
CA PHE A 41 -16.97 -1.39 15.35
C PHE A 41 -17.95 -2.44 15.86
N SER A 42 -19.25 -2.21 15.62
CA SER A 42 -20.30 -3.09 16.10
C SER A 42 -21.01 -3.81 14.96
N ASP A 43 -21.75 -4.86 15.31
CA ASP A 43 -22.46 -5.64 14.32
C ASP A 43 -23.53 -4.82 13.61
N GLU A 44 -23.88 -3.66 14.19
CA GLU A 44 -24.97 -2.84 13.69
C GLU A 44 -24.61 -2.06 12.44
N LEU A 45 -23.36 -2.18 12.00
CA LEU A 45 -22.88 -1.41 10.86
C LEU A 45 -23.21 -2.08 9.53
N PRO A 46 -23.14 -1.29 8.46
CA PRO A 46 -23.35 -1.84 7.11
C PRO A 46 -22.23 -2.83 6.78
N SER A 47 -22.61 -3.99 6.24
CA SER A 47 -21.66 -5.05 5.90
C SER A 47 -20.47 -4.51 5.12
N SER A 48 -20.74 -3.62 4.17
CA SER A 48 -19.68 -3.02 3.37
C SER A 48 -18.82 -2.07 4.19
N GLU A 49 -19.30 -1.76 5.39
CA GLU A 49 -18.56 -0.92 6.32
C GLU A 49 -17.72 -1.81 7.24
N GLN A 50 -18.26 -2.99 7.53
CA GLN A 50 -17.62 -4.00 8.35
C GLN A 50 -16.38 -4.60 7.70
N THR A 51 -16.45 -4.88 6.40
CA THR A 51 -15.35 -5.44 5.63
C THR A 51 -13.99 -4.82 5.93
N GLY A 52 -12.98 -5.67 6.19
CA GLY A 52 -11.65 -5.23 6.51
C GLY A 52 -11.42 -4.94 7.97
N HIS A 53 -12.40 -5.28 8.80
CA HIS A 53 -12.33 -4.96 10.23
C HIS A 53 -12.89 -6.06 11.12
N ASP A 54 -12.19 -6.34 12.22
CA ASP A 54 -12.71 -7.18 13.28
C ASP A 54 -13.80 -6.39 13.99
N LEU A 55 -14.92 -7.03 14.26
CA LEU A 55 -16.01 -6.34 14.95
C LEU A 55 -16.15 -6.85 16.39
N TYR A 56 -16.67 -6.00 17.26
CA TYR A 56 -16.88 -6.26 18.67
C TYR A 56 -18.03 -7.23 18.94
N THR A 57 -17.75 -8.27 19.71
CA THR A 57 -18.75 -9.26 20.08
C THR A 57 -18.90 -9.35 21.59
N PRO A 58 -20.06 -8.95 22.09
CA PRO A 58 -20.32 -8.90 23.51
C PRO A 58 -20.05 -10.22 24.22
N SER A 59 -19.73 -10.12 25.53
CA SER A 59 -19.56 -11.27 26.38
C SER A 59 -20.92 -11.79 26.88
N SER A 60 -20.92 -12.97 27.47
CA SER A 60 -22.16 -13.51 28.02
C SER A 60 -22.57 -12.78 29.30
N SER A 61 -21.66 -12.01 29.88
CA SER A 61 -21.92 -11.30 31.12
C SER A 61 -22.07 -9.80 30.91
N ALA A 62 -21.72 -9.35 29.71
CA ALA A 62 -21.86 -7.94 29.36
C ALA A 62 -23.28 -7.45 29.62
N THR A 63 -23.44 -6.14 29.77
CA THR A 63 -24.75 -5.55 29.99
C THR A 63 -24.91 -4.24 29.21
N LYS A 64 -25.95 -4.17 28.39
CA LYS A 64 -26.19 -3.00 27.56
C LYS A 64 -26.69 -1.82 28.40
N LEU A 65 -25.94 -0.73 28.32
CA LEU A 65 -26.36 0.47 29.06
C LEU A 65 -27.52 1.12 28.32
N SER A 66 -28.72 0.73 28.71
CA SER A 66 -29.94 1.27 28.12
C SER A 66 -30.08 2.76 28.38
N GLY A 67 -30.50 3.50 27.37
CA GLY A 67 -30.70 4.94 27.47
C GLY A 67 -29.47 5.76 27.16
N TYR A 68 -28.29 5.13 27.18
CA TYR A 68 -27.05 5.86 26.93
C TYR A 68 -26.68 5.85 25.45
N SER A 69 -25.91 6.87 25.09
CA SER A 69 -25.47 7.07 23.72
C SER A 69 -24.17 7.87 23.71
N TRP A 70 -23.48 7.84 22.58
CA TRP A 70 -22.20 8.55 22.46
C TRP A 70 -21.99 9.08 21.06
N ASP A 71 -21.35 10.24 20.95
CA ASP A 71 -21.10 10.82 19.64
C ASP A 71 -19.82 11.66 19.69
N ILE A 72 -18.94 11.41 18.72
CA ILE A 72 -17.67 12.13 18.76
C ILE A 72 -17.20 12.53 17.37
N SER A 73 -16.40 13.59 17.34
CA SER A 73 -15.84 14.11 16.09
C SER A 73 -14.39 14.49 16.30
N TYR A 74 -13.56 14.36 15.28
CA TYR A 74 -12.14 14.65 15.49
C TYR A 74 -11.63 15.77 14.60
N GLY A 75 -10.31 15.92 14.55
CA GLY A 75 -9.58 16.93 13.80
C GLY A 75 -10.25 17.34 12.49
N ASP A 76 -10.71 16.35 11.72
CA ASP A 76 -11.39 16.64 10.46
C ASP A 76 -12.86 16.28 10.55
N GLY A 77 -13.59 16.35 9.43
CA GLY A 77 -15.00 15.96 9.45
C GLY A 77 -15.21 14.47 9.64
N SER A 78 -14.66 13.94 10.75
CA SER A 78 -14.67 12.52 11.06
C SER A 78 -15.48 12.26 12.33
N SER A 79 -16.64 11.62 12.16
CA SER A 79 -17.52 11.34 13.28
C SER A 79 -17.65 9.84 13.53
N ALA A 80 -18.39 9.53 14.58
CA ALA A 80 -18.74 8.18 15.00
C ALA A 80 -19.72 8.25 16.17
N SER A 81 -20.73 7.38 16.15
CA SER A 81 -21.69 7.38 17.25
C SER A 81 -22.26 5.98 17.42
N GLY A 82 -23.15 5.78 18.39
CA GLY A 82 -23.68 4.45 18.63
C GLY A 82 -24.12 4.23 20.07
N ASP A 83 -24.16 2.98 20.51
CA ASP A 83 -24.64 2.62 21.84
C ASP A 83 -23.52 2.34 22.82
N VAL A 84 -23.89 1.93 24.04
CA VAL A 84 -22.90 1.70 25.07
C VAL A 84 -23.14 0.39 25.82
N TYR A 85 -22.07 -0.35 26.07
CA TYR A 85 -22.13 -1.63 26.76
C TYR A 85 -21.17 -1.69 27.95
N ARG A 86 -21.50 -2.47 28.96
CA ARG A 86 -20.57 -2.69 30.07
C ARG A 86 -19.98 -4.10 29.96
N ASP A 87 -18.78 -4.17 29.39
CA ASP A 87 -18.14 -5.46 29.17
C ASP A 87 -16.75 -5.53 29.83
N THR A 88 -16.10 -6.65 29.61
CA THR A 88 -14.75 -6.95 30.07
C THR A 88 -13.70 -6.59 29.02
N VAL A 89 -12.67 -5.86 29.45
CA VAL A 89 -11.61 -5.47 28.52
C VAL A 89 -10.25 -5.82 29.11
N THR A 90 -9.42 -6.46 28.28
CA THR A 90 -8.10 -6.90 28.71
C THR A 90 -7.02 -6.27 27.83
N VAL A 91 -6.14 -5.51 28.46
CA VAL A 91 -5.03 -4.87 27.78
C VAL A 91 -3.71 -5.25 28.46
N GLY A 92 -2.93 -6.09 27.81
CA GLY A 92 -1.64 -6.51 28.28
C GLY A 92 -1.66 -7.26 29.60
N GLY A 93 -2.76 -7.97 29.90
CA GLY A 93 -2.80 -8.73 31.14
C GLY A 93 -3.60 -8.05 32.23
N VAL A 94 -3.76 -6.73 32.15
CA VAL A 94 -4.60 -6.02 33.11
C VAL A 94 -6.06 -6.10 32.68
N THR A 95 -6.88 -6.75 33.50
CA THR A 95 -8.29 -6.96 33.16
C THR A 95 -9.23 -6.19 34.07
N THR A 96 -10.40 -5.84 33.52
CA THR A 96 -11.49 -5.17 34.21
C THR A 96 -12.82 -5.60 33.62
N ASN A 97 -13.85 -5.71 34.45
CA ASN A 97 -15.16 -6.15 34.01
C ASN A 97 -16.19 -5.04 34.11
N LYS A 98 -15.74 -3.81 34.29
CA LYS A 98 -16.72 -2.72 34.41
C LYS A 98 -16.37 -1.58 33.46
N GLN A 99 -15.64 -1.94 32.40
CA GLN A 99 -15.25 -0.94 31.40
C GLN A 99 -16.40 -0.67 30.43
N ALA A 100 -16.64 0.61 30.17
CA ALA A 100 -17.70 1.00 29.25
C ALA A 100 -17.19 0.88 27.81
N VAL A 101 -17.97 0.19 26.98
CA VAL A 101 -17.57 -0.01 25.59
C VAL A 101 -18.54 0.73 24.68
N GLU A 102 -18.01 1.64 23.88
CA GLU A 102 -18.85 2.42 22.98
C GLU A 102 -18.97 1.80 21.60
N ALA A 103 -20.10 1.14 21.35
CA ALA A 103 -20.37 0.49 20.08
C ALA A 103 -20.81 1.52 19.04
N ALA A 104 -20.19 1.47 17.86
CA ALA A 104 -20.55 2.40 16.80
C ALA A 104 -21.51 1.74 15.81
N SER A 105 -22.49 2.50 15.36
CA SER A 105 -23.44 1.96 14.38
C SER A 105 -23.62 2.97 13.23
N LYS A 106 -22.66 3.87 13.15
CA LYS A 106 -22.60 4.97 12.20
C LYS A 106 -21.27 5.71 12.30
N ILE A 107 -20.51 5.75 11.21
CA ILE A 107 -19.18 6.35 11.20
C ILE A 107 -18.82 7.03 9.89
N SER A 108 -17.74 7.81 9.93
CA SER A 108 -17.30 8.54 8.74
C SER A 108 -16.39 7.68 7.85
N SER A 109 -16.26 8.12 6.61
CA SER A 109 -15.47 7.49 5.57
C SER A 109 -14.11 7.06 6.08
N GLU A 110 -13.34 8.04 6.56
CA GLU A 110 -11.98 7.85 7.06
C GLU A 110 -11.84 6.56 7.88
N PHE A 111 -12.85 6.32 8.70
CA PHE A 111 -12.88 5.13 9.55
C PHE A 111 -13.18 3.87 8.76
N VAL A 112 -14.33 3.88 8.07
CA VAL A 112 -14.75 2.73 7.28
C VAL A 112 -13.65 2.24 6.35
N GLN A 113 -13.10 3.16 5.58
CA GLN A 113 -12.11 2.81 4.56
C GLN A 113 -10.71 2.65 5.13
N ASP A 114 -10.58 2.62 6.47
CA ASP A 114 -9.30 2.35 7.09
C ASP A 114 -9.26 0.92 7.62
N THR A 115 -9.24 -0.04 6.69
CA THR A 115 -9.20 -1.45 7.06
C THR A 115 -8.07 -1.70 8.06
N ALA A 116 -8.33 -2.55 9.03
CA ALA A 116 -7.48 -2.97 10.13
C ALA A 116 -7.79 -2.20 11.42
N ASN A 117 -7.75 -0.87 11.35
CA ASN A 117 -8.17 -0.07 12.50
C ASN A 117 -9.57 -0.52 12.94
N ASP A 118 -9.71 -0.96 14.19
CA ASP A 118 -11.02 -1.42 14.64
C ASP A 118 -11.68 -0.50 15.65
N GLY A 119 -11.11 0.69 15.85
CA GLY A 119 -11.66 1.66 16.77
C GLY A 119 -10.60 2.34 17.60
N LEU A 120 -11.02 3.05 18.67
CA LEU A 120 -10.07 3.78 19.49
C LEU A 120 -10.13 3.46 20.98
N LEU A 121 -9.01 3.64 21.65
CA LEU A 121 -8.92 3.55 23.10
C LEU A 121 -8.41 4.89 23.64
N GLY A 122 -9.31 5.67 24.23
CA GLY A 122 -8.96 6.99 24.71
C GLY A 122 -8.28 6.95 26.07
N LEU A 123 -7.21 7.73 26.21
CA LEU A 123 -6.42 7.74 27.43
C LEU A 123 -6.24 9.17 27.95
N ALA A 124 -7.11 10.09 27.53
CA ALA A 124 -7.04 11.45 28.09
C ALA A 124 -7.81 11.45 29.41
N PHE A 125 -8.07 12.61 30.00
CA PHE A 125 -8.83 12.62 31.25
C PHE A 125 -10.31 12.35 31.01
N SER A 126 -10.90 11.48 31.82
CA SER A 126 -12.28 11.05 31.75
C SER A 126 -13.28 12.19 31.66
N SER A 127 -12.91 13.39 32.13
CA SER A 127 -13.90 14.47 32.13
C SER A 127 -14.44 14.76 30.75
N ILE A 128 -13.69 14.41 29.70
CA ILE A 128 -14.13 14.75 28.35
C ILE A 128 -14.72 13.55 27.60
N ASN A 129 -14.96 12.43 28.27
CA ASN A 129 -15.65 11.31 27.62
C ASN A 129 -16.96 11.84 27.06
N THR A 130 -17.55 11.23 26.03
CA THR A 130 -18.76 11.83 25.46
C THR A 130 -20.03 11.05 25.70
N VAL A 131 -19.96 10.00 26.52
CA VAL A 131 -21.17 9.20 26.74
C VAL A 131 -22.23 10.04 27.45
N GLN A 132 -23.49 9.73 27.14
CA GLN A 132 -24.64 10.39 27.75
C GLN A 132 -25.73 9.38 28.10
N PRO A 133 -26.46 9.69 29.18
CA PRO A 133 -26.29 10.86 29.98
C PRO A 133 -25.31 10.87 30.92
N LYS A 134 -24.56 9.87 31.38
CA LYS A 134 -23.48 10.09 32.33
C LYS A 134 -22.13 9.72 31.72
N ALA A 135 -21.18 10.63 31.76
CA ALA A 135 -19.85 10.35 31.20
C ALA A 135 -19.28 9.09 31.84
N GLN A 136 -18.36 8.44 31.15
CA GLN A 136 -17.80 7.20 31.69
C GLN A 136 -16.29 7.35 31.82
N THR A 137 -15.69 6.43 32.54
CA THR A 137 -14.26 6.47 32.79
C THR A 137 -13.46 5.80 31.68
N THR A 138 -12.28 6.33 31.39
CA THR A 138 -11.45 5.66 30.39
C THR A 138 -11.00 4.32 30.96
N PHE A 139 -10.26 3.54 30.18
CA PHE A 139 -9.78 2.25 30.65
C PHE A 139 -8.77 2.42 31.77
N PHE A 140 -7.73 3.21 31.51
CA PHE A 140 -6.69 3.50 32.50
C PHE A 140 -7.31 3.91 33.83
N ASP A 141 -8.24 4.85 33.73
CA ASP A 141 -8.91 5.39 34.90
C ASP A 141 -9.65 4.29 35.65
N THR A 142 -10.25 3.40 34.89
CA THR A 142 -11.05 2.31 35.44
C THR A 142 -10.22 1.23 36.13
N VAL A 143 -8.98 1.05 35.70
CA VAL A 143 -8.13 0.03 36.30
C VAL A 143 -7.05 0.65 37.17
N LYS A 144 -7.12 1.98 37.32
CA LYS A 144 -6.11 2.75 38.03
C LYS A 144 -5.71 2.14 39.37
N SER A 145 -6.69 1.73 40.17
CA SER A 145 -6.44 1.21 41.51
C SER A 145 -6.07 -0.27 41.52
N GLN A 146 -5.85 -0.86 40.35
CA GLN A 146 -5.42 -2.26 40.25
C GLN A 146 -3.95 -2.30 39.87
N LEU A 147 -3.48 -1.14 39.44
CA LEU A 147 -2.11 -0.92 38.98
C LEU A 147 -1.15 -0.68 40.13
N ASP A 148 0.05 -1.25 40.05
CA ASP A 148 1.01 -1.05 41.14
C ASP A 148 1.25 0.45 41.35
N SER A 149 1.20 1.23 40.28
CA SER A 149 1.31 2.69 40.32
C SER A 149 0.31 3.32 39.35
N PRO A 150 -0.31 4.42 39.74
CA PRO A 150 -1.35 5.04 38.91
C PRO A 150 -0.77 5.80 37.72
N LEU A 151 -0.17 5.05 36.80
CA LEU A 151 0.43 5.62 35.61
C LEU A 151 0.52 4.61 34.47
N PHE A 152 0.93 5.10 33.32
CA PHE A 152 1.22 4.29 32.15
C PHE A 152 2.34 4.97 31.36
N ALA A 153 3.13 4.20 30.64
CA ALA A 153 4.21 4.80 29.86
C ALA A 153 4.08 4.34 28.42
N VAL A 154 4.62 5.12 27.49
CA VAL A 154 4.57 4.70 26.10
C VAL A 154 5.95 4.77 25.46
N GLN A 155 6.21 3.80 24.59
CA GLN A 155 7.44 3.77 23.81
C GLN A 155 7.10 3.45 22.35
N LEU A 156 6.87 4.49 21.56
CA LEU A 156 6.55 4.35 20.14
C LEU A 156 7.84 4.28 19.34
N LYS A 157 7.89 3.36 18.38
CA LYS A 157 9.06 3.17 17.53
C LYS A 157 8.74 3.57 16.09
N HIS A 158 9.78 3.98 15.38
CA HIS A 158 9.60 4.36 13.98
C HIS A 158 9.63 3.15 13.06
N ASP A 159 8.54 2.88 12.35
CA ASP A 159 8.51 1.73 11.43
C ASP A 159 8.90 0.45 12.16
N ALA A 160 8.43 0.32 13.41
CA ALA A 160 8.70 -0.86 14.23
C ALA A 160 7.77 -0.85 15.44
N PRO A 161 7.44 -2.04 15.92
CA PRO A 161 6.53 -2.16 17.07
C PRO A 161 7.09 -1.48 18.31
N GLY A 162 6.25 -0.70 18.98
CA GLY A 162 6.62 -0.05 20.23
C GLY A 162 6.00 -0.74 21.42
N VAL A 163 5.59 0.04 22.43
CA VAL A 163 4.99 -0.59 23.60
C VAL A 163 4.28 0.42 24.49
N TYR A 164 3.23 -0.08 25.15
CA TYR A 164 2.44 0.65 26.13
C TYR A 164 2.53 -0.05 27.49
N ASP A 165 3.09 0.62 28.48
CA ASP A 165 3.21 0.02 29.81
C ASP A 165 2.14 0.55 30.76
N PHE A 166 1.42 -0.37 31.40
CA PHE A 166 0.41 0.02 32.37
C PHE A 166 0.85 -0.28 33.80
N GLY A 167 0.97 0.77 34.61
CA GLY A 167 1.21 0.67 36.03
C GLY A 167 2.64 0.49 36.46
N TYR A 168 3.57 0.66 35.54
CA TYR A 168 4.96 0.50 35.93
C TYR A 168 5.89 1.05 34.85
N ILE A 169 7.12 1.30 35.26
CA ILE A 169 8.12 1.83 34.32
C ILE A 169 9.18 0.76 34.08
N ASP A 170 9.37 0.44 32.81
CA ASP A 170 10.39 -0.52 32.36
C ASP A 170 11.69 0.22 32.09
N ASP A 171 12.64 0.08 33.00
CA ASP A 171 13.92 0.76 32.93
C ASP A 171 14.74 0.44 31.69
N SER A 172 14.43 -0.67 31.02
CA SER A 172 15.22 -1.04 29.85
C SER A 172 14.76 -0.31 28.58
N LYS A 173 13.79 0.59 28.73
CA LYS A 173 13.22 1.29 27.59
C LYS A 173 13.78 2.69 27.39
N TYR A 174 14.56 3.18 28.33
CA TYR A 174 15.14 4.52 28.20
C TYR A 174 16.53 4.52 28.82
N THR A 175 17.32 5.52 28.47
CA THR A 175 18.64 5.72 29.02
C THR A 175 18.68 7.08 29.69
N GLY A 176 19.45 7.18 30.76
CA GLY A 176 19.55 8.39 31.56
C GLY A 176 18.30 8.49 32.42
N SER A 177 18.06 9.64 33.02
CA SER A 177 16.95 9.82 33.95
C SER A 177 15.66 10.37 33.33
N ILE A 178 14.55 10.10 34.03
CA ILE A 178 13.26 10.66 33.67
C ILE A 178 13.12 12.07 34.24
N THR A 179 12.78 13.03 33.39
CA THR A 179 12.54 14.40 33.81
C THR A 179 11.03 14.62 33.89
N TYR A 180 10.54 15.20 34.99
CA TYR A 180 9.09 15.35 35.10
C TYR A 180 8.68 16.81 34.96
N THR A 181 7.52 17.00 34.37
CA THR A 181 6.93 18.32 34.24
C THR A 181 5.47 18.25 34.67
N ASP A 182 4.94 19.37 35.12
CA ASP A 182 3.55 19.38 35.54
C ASP A 182 2.63 19.37 34.33
N ALA A 183 1.66 18.46 34.38
CA ALA A 183 0.65 18.31 33.34
C ALA A 183 -0.55 19.21 33.62
N ASP A 184 -1.04 19.85 32.57
CA ASP A 184 -2.21 20.70 32.63
C ASP A 184 -3.41 19.94 32.09
N SER A 185 -4.32 19.55 32.96
CA SER A 185 -5.49 18.78 32.51
C SER A 185 -6.67 19.70 32.27
N SER A 186 -6.40 21.00 32.21
CA SER A 186 -7.47 21.99 32.11
C SER A 186 -8.44 21.72 30.98
N GLN A 187 -7.94 21.19 29.85
CA GLN A 187 -8.88 20.96 28.74
C GLN A 187 -9.18 19.47 28.56
N GLY A 188 -8.80 18.65 29.52
CA GLY A 188 -9.06 17.22 29.45
C GLY A 188 -7.96 16.46 28.76
N TYR A 189 -6.91 17.18 28.35
CA TYR A 189 -5.78 16.56 27.66
C TYR A 189 -4.56 16.52 28.57
N TRP A 190 -3.54 15.78 28.15
CA TRP A 190 -2.26 15.77 28.84
C TRP A 190 -1.40 16.93 28.32
N GLY A 191 -1.73 18.13 28.75
CA GLY A 191 -1.02 19.33 28.38
C GLY A 191 0.24 19.55 29.19
N PHE A 192 1.17 20.34 28.68
CA PHE A 192 2.38 20.71 29.40
C PHE A 192 3.03 21.92 28.71
N SER A 193 3.97 22.52 29.42
CA SER A 193 4.57 23.76 28.95
C SER A 193 6.07 23.67 28.80
N THR A 194 6.49 23.41 27.56
CA THR A 194 7.91 23.42 27.23
C THR A 194 8.46 24.83 27.44
N ASP A 195 9.67 24.94 27.99
CA ASP A 195 10.26 26.25 28.23
C ASP A 195 10.83 26.91 26.97
N GLY A 196 11.03 26.14 25.91
CA GLY A 196 11.54 26.69 24.66
C GLY A 196 11.72 25.62 23.60
N TYR A 197 12.41 25.97 22.52
CA TYR A 197 12.73 25.04 21.45
C TYR A 197 14.06 25.44 20.82
N SER A 198 14.60 24.56 19.99
CA SER A 198 15.88 24.83 19.32
C SER A 198 15.91 24.20 17.96
N ILE A 199 16.20 24.99 16.93
CA ILE A 199 16.27 24.40 15.59
C ILE A 199 17.70 23.98 15.30
N GLY A 200 17.89 22.71 14.96
CA GLY A 200 19.23 22.23 14.67
C GLY A 200 20.21 22.62 15.75
N ASP A 201 21.32 23.25 15.36
CA ASP A 201 22.37 23.65 16.28
C ASP A 201 22.17 25.10 16.69
N GLY A 202 21.03 25.66 16.28
CA GLY A 202 20.72 27.03 16.62
C GLY A 202 20.74 27.24 18.12
N SER A 203 20.45 28.46 18.55
CA SER A 203 20.38 28.75 19.98
C SER A 203 18.93 28.62 20.45
N SER A 204 18.73 27.94 21.56
CA SER A 204 17.39 27.67 22.08
C SER A 204 16.57 28.94 22.26
N SER A 205 15.25 28.78 22.12
CA SER A 205 14.32 29.88 22.31
C SER A 205 13.75 29.86 23.73
N SER A 206 14.12 30.86 24.53
CA SER A 206 13.61 30.98 25.88
C SER A 206 12.08 31.01 25.86
N SER A 207 11.53 31.64 24.83
CA SER A 207 10.09 31.70 24.63
C SER A 207 9.49 30.29 24.63
N GLY A 208 8.66 30.00 25.63
CA GLY A 208 8.03 28.69 25.70
C GLY A 208 6.69 28.63 24.98
N PHE A 209 5.97 27.54 25.14
CA PHE A 209 4.65 27.41 24.52
C PHE A 209 3.91 26.22 25.13
N SER A 210 2.59 26.22 25.00
CA SER A 210 1.72 25.19 25.54
C SER A 210 1.40 24.10 24.52
N ALA A 211 1.64 22.85 24.92
CA ALA A 211 1.48 21.71 24.04
C ALA A 211 0.78 20.55 24.71
N ILE A 212 0.14 19.71 23.89
CA ILE A 212 -0.44 18.49 24.41
C ILE A 212 0.30 17.31 23.79
N ALA A 213 0.36 16.22 24.55
CA ALA A 213 0.94 14.96 24.09
C ALA A 213 -0.19 14.11 23.53
N ASP A 214 -0.28 13.98 22.22
CA ASP A 214 -1.36 13.18 21.62
C ASP A 214 -0.80 12.05 20.76
N THR A 215 -0.78 10.85 21.31
CA THR A 215 -0.27 9.68 20.59
C THR A 215 -1.09 9.38 19.34
N GLY A 216 -2.37 9.75 19.37
CA GLY A 216 -3.27 9.52 18.27
C GLY A 216 -3.01 10.38 17.07
N THR A 217 -2.03 11.28 17.16
CA THR A 217 -1.71 12.19 16.06
C THR A 217 -0.32 11.89 15.52
N THR A 218 -0.22 11.79 14.21
CA THR A 218 1.01 11.44 13.53
C THR A 218 2.07 12.52 13.60
N LEU A 219 1.70 13.78 13.39
CA LEU A 219 2.69 14.85 13.23
C LEU A 219 2.83 15.80 14.41
N ILE A 220 3.73 16.75 14.20
CA ILE A 220 3.99 17.83 15.15
C ILE A 220 3.33 19.12 14.67
N LEU A 221 2.24 19.52 15.32
CA LEU A 221 1.53 20.73 14.91
C LEU A 221 1.87 21.91 15.80
N LEU A 222 2.63 22.86 15.28
CA LEU A 222 3.02 24.02 16.08
C LEU A 222 2.52 25.33 15.47
N ASP A 223 2.76 26.45 16.16
CA ASP A 223 2.34 27.75 15.66
C ASP A 223 3.14 28.11 14.41
N ASP A 224 2.47 28.76 13.46
CA ASP A 224 3.05 29.12 12.19
C ASP A 224 4.38 29.85 12.35
N GLU A 225 4.49 30.70 13.37
CA GLU A 225 5.72 31.45 13.56
C GLU A 225 6.91 30.52 13.77
N ILE A 226 6.68 29.37 14.41
CA ILE A 226 7.75 28.42 14.66
C ILE A 226 8.03 27.58 13.41
N VAL A 227 6.96 27.07 12.80
CA VAL A 227 7.10 26.32 11.57
C VAL A 227 7.93 27.09 10.53
N SER A 228 7.53 28.32 10.26
CA SER A 228 8.21 29.21 9.35
C SER A 228 9.69 29.36 9.68
N ALA A 229 10.02 29.38 10.97
CA ALA A 229 11.41 29.54 11.40
C ALA A 229 12.20 28.26 11.16
N TYR A 230 11.50 27.14 11.27
CA TYR A 230 12.07 25.82 11.07
C TYR A 230 12.44 25.60 9.61
N TYR A 231 11.43 25.59 8.74
CA TYR A 231 11.65 25.34 7.33
C TYR A 231 12.58 26.34 6.67
N GLU A 232 12.79 27.48 7.32
CA GLU A 232 13.76 28.47 6.86
C GLU A 232 15.17 27.87 6.85
N GLN A 233 15.35 26.79 7.59
CA GLN A 233 16.62 26.06 7.63
C GLN A 233 16.58 24.84 6.71
N VAL A 234 15.46 24.60 6.03
CA VAL A 234 15.39 23.47 5.12
C VAL A 234 15.43 23.94 3.67
N SER A 235 16.55 23.70 2.99
CA SER A 235 16.74 24.18 1.63
C SER A 235 15.73 23.61 0.64
N GLY A 236 15.08 24.51 -0.10
CA GLY A 236 14.12 24.13 -1.11
C GLY A 236 12.72 23.90 -0.58
N ALA A 237 12.52 24.08 0.72
CA ALA A 237 11.18 23.84 1.28
C ALA A 237 10.18 24.87 0.76
N GLN A 238 8.95 24.40 0.58
CA GLN A 238 7.87 25.24 0.13
C GLN A 238 6.53 24.83 0.73
N GLU A 239 5.71 25.84 0.99
CA GLU A 239 4.36 25.68 1.49
C GLU A 239 3.45 25.14 0.39
N SER A 240 3.71 23.93 -0.10
CA SER A 240 2.88 23.34 -1.15
C SER A 240 1.44 23.11 -0.76
N TYR A 241 0.57 24.10 -0.98
CA TYR A 241 -0.84 23.92 -0.76
C TYR A 241 -1.33 22.81 -1.69
N GLU A 242 -2.57 22.36 -1.54
CA GLU A 242 -3.03 21.25 -2.37
C GLU A 242 -2.11 20.05 -2.16
N ALA A 243 -1.65 19.93 -0.92
CA ALA A 243 -0.73 18.89 -0.48
C ALA A 243 -0.71 18.83 1.05
N GLY A 244 -1.25 19.87 1.69
CA GLY A 244 -1.31 19.90 3.13
C GLY A 244 -0.40 20.94 3.75
N GLY A 245 0.91 20.79 3.59
CA GLY A 245 1.85 21.74 4.17
C GLY A 245 3.18 21.80 3.45
N TYR A 246 4.26 22.01 4.21
CA TYR A 246 5.59 22.15 3.65
C TYR A 246 6.13 20.83 3.11
N VAL A 247 6.90 20.93 2.04
CA VAL A 247 7.53 19.80 1.37
C VAL A 247 8.97 20.14 1.01
N PHE A 248 9.79 19.13 0.75
CA PHE A 248 11.16 19.38 0.33
C PHE A 248 11.76 18.14 -0.31
N SER A 249 12.97 18.26 -0.86
CA SER A 249 13.56 17.07 -1.48
C SER A 249 13.72 15.94 -0.46
N CYS A 250 13.28 14.76 -0.85
CA CYS A 250 13.44 13.57 -0.03
C CYS A 250 14.90 13.31 0.33
N SER A 251 15.78 13.68 -0.60
CA SER A 251 17.22 13.50 -0.42
C SER A 251 17.75 14.45 0.66
N THR A 252 17.00 15.51 0.93
CA THR A 252 17.41 16.45 1.96
C THR A 252 17.17 15.88 3.35
N ASP A 253 18.15 16.09 4.22
CA ASP A 253 18.08 15.70 5.62
C ASP A 253 17.86 16.96 6.46
N LEU A 254 16.69 17.07 7.08
CA LEU A 254 16.30 18.29 7.78
C LEU A 254 16.93 18.32 9.17
N PRO A 255 17.05 19.50 9.78
CA PRO A 255 17.78 19.58 11.06
C PRO A 255 16.94 19.05 12.21
N ASP A 256 17.60 18.69 13.32
CA ASP A 256 16.82 18.18 14.45
C ASP A 256 15.96 19.31 15.01
N PHE A 257 14.90 18.92 15.71
CA PHE A 257 14.03 19.89 16.38
C PHE A 257 14.07 19.58 17.87
N THR A 258 14.65 20.48 18.65
CA THR A 258 14.75 20.23 20.08
C THR A 258 13.65 20.96 20.85
N VAL A 259 13.05 20.23 21.78
CA VAL A 259 12.03 20.67 22.69
C VAL A 259 12.58 20.69 24.11
N VAL A 260 12.82 21.89 24.65
CA VAL A 260 13.41 22.04 25.97
C VAL A 260 12.35 21.94 27.05
N ILE A 261 12.54 21.00 27.96
CA ILE A 261 11.65 20.74 29.08
C ILE A 261 12.46 20.81 30.37
N GLY A 262 12.44 21.98 31.00
CA GLY A 262 13.28 22.22 32.17
C GLY A 262 14.73 22.21 31.76
N ASP A 263 15.50 21.24 32.25
CA ASP A 263 16.91 21.13 31.86
C ASP A 263 17.08 20.00 30.85
N TYR A 264 15.95 19.36 30.50
CA TYR A 264 15.99 18.25 29.57
C TYR A 264 15.80 18.69 28.12
N LYS A 265 16.53 18.02 27.23
CA LYS A 265 16.37 18.26 25.80
C LYS A 265 15.78 17.02 25.11
N ALA A 266 14.53 17.13 24.70
CA ALA A 266 13.84 16.14 23.89
C ALA A 266 14.13 16.43 22.42
N VAL A 267 15.17 15.82 21.88
CA VAL A 267 15.58 16.02 20.50
C VAL A 267 14.93 15.07 19.50
N VAL A 268 14.13 15.66 18.61
CA VAL A 268 13.53 14.94 17.48
C VAL A 268 14.53 14.92 16.32
N PRO A 269 15.04 13.75 15.99
CA PRO A 269 16.02 13.65 14.90
C PRO A 269 15.49 14.26 13.62
N GLY A 270 16.35 14.97 12.87
CA GLY A 270 15.91 15.51 11.60
C GLY A 270 15.33 14.43 10.69
N LYS A 271 15.86 13.22 10.83
CA LYS A 271 15.44 12.09 10.00
C LYS A 271 13.95 11.80 10.14
N TYR A 272 13.37 12.08 11.31
CA TYR A 272 11.95 11.83 11.53
C TYR A 272 11.07 12.96 11.02
N ILE A 273 11.64 14.14 10.78
CA ILE A 273 10.79 15.23 10.29
C ILE A 273 10.66 15.16 8.78
N ASN A 274 11.42 14.22 8.21
CA ASN A 274 11.27 13.81 6.81
C ASN A 274 10.24 12.67 6.83
N TYR A 275 9.00 13.07 7.06
CA TYR A 275 7.90 12.11 7.19
C TYR A 275 7.91 11.12 6.01
N ALA A 276 7.34 11.52 4.87
CA ALA A 276 7.25 10.57 3.76
C ALA A 276 6.87 11.24 2.45
N PRO A 277 7.10 10.53 1.35
CA PRO A 277 6.78 11.04 0.00
C PRO A 277 5.30 11.36 -0.16
N VAL A 278 5.01 12.47 -0.81
CA VAL A 278 3.64 12.89 -1.07
C VAL A 278 2.90 11.92 -1.97
N SER A 279 3.65 11.05 -2.64
CA SER A 279 3.07 10.07 -3.56
C SER A 279 4.03 8.91 -3.77
N THR A 280 3.50 7.76 -4.14
CA THR A 280 4.34 6.57 -4.36
C THR A 280 5.48 6.89 -5.32
N GLY A 281 6.69 6.67 -4.84
CA GLY A 281 7.90 6.90 -5.61
C GLY A 281 8.17 8.37 -5.87
N SER A 282 7.42 9.26 -5.21
CA SER A 282 7.59 10.69 -5.43
C SER A 282 9.01 11.13 -5.08
N SER A 283 9.38 12.26 -5.68
CA SER A 283 10.69 12.86 -5.56
C SER A 283 10.78 13.76 -4.32
N THR A 284 9.63 14.36 -4.01
CA THR A 284 9.54 15.26 -2.86
C THR A 284 9.02 14.51 -1.64
N CYS A 285 9.27 15.08 -0.47
CA CYS A 285 8.91 14.49 0.80
C CYS A 285 8.13 15.46 1.69
N TYR A 286 7.12 14.93 2.35
CA TYR A 286 6.27 15.68 3.27
C TYR A 286 6.94 15.80 4.64
N GLY A 287 6.87 17.00 5.24
CA GLY A 287 7.50 17.28 6.51
C GLY A 287 6.74 16.78 7.72
N GLY A 288 7.47 16.39 8.76
CA GLY A 288 6.89 15.92 10.00
C GLY A 288 6.33 17.06 10.84
N ILE A 289 6.77 18.28 10.57
CA ILE A 289 6.29 19.47 11.25
C ILE A 289 5.45 20.34 10.31
N GLN A 290 4.21 20.58 10.69
CA GLN A 290 3.28 21.40 9.95
C GLN A 290 2.63 22.45 10.87
N SER A 291 1.63 23.14 10.34
CA SER A 291 0.98 24.23 11.08
C SER A 291 -0.24 23.74 11.85
N ASN A 292 -0.46 24.32 13.01
CA ASN A 292 -1.64 23.96 13.81
C ASN A 292 -2.81 24.89 13.52
N SER A 293 -2.63 25.76 12.54
CA SER A 293 -3.70 26.67 12.15
C SER A 293 -4.97 25.87 11.83
N GLY A 294 -6.06 26.16 12.55
CA GLY A 294 -7.32 25.47 12.39
C GLY A 294 -7.68 24.69 13.65
N LEU A 295 -6.73 24.52 14.55
CA LEU A 295 -6.96 23.86 15.82
C LEU A 295 -6.68 24.86 16.94
N GLY A 296 -5.84 25.84 16.62
CA GLY A 296 -5.43 26.89 17.54
C GLY A 296 -4.68 26.36 18.75
N LEU A 297 -4.27 25.10 18.67
CA LEU A 297 -3.57 24.41 19.76
C LEU A 297 -2.37 23.65 19.23
N SER A 298 -1.26 23.76 19.95
CA SER A 298 -0.02 23.06 19.59
C SER A 298 -0.09 21.58 19.98
N ILE A 299 0.27 20.71 19.05
CA ILE A 299 0.26 19.28 19.34
C ILE A 299 1.57 18.60 19.01
N LEU A 300 2.08 17.82 19.95
CA LEU A 300 3.29 17.04 19.74
C LEU A 300 2.90 15.58 19.55
N GLY A 301 2.80 15.13 18.30
CA GLY A 301 2.32 13.81 17.94
C GLY A 301 3.37 12.74 17.81
N ASP A 302 3.00 11.62 17.18
CA ASP A 302 3.90 10.48 17.01
C ASP A 302 5.29 10.84 16.54
N VAL A 303 5.44 11.79 15.61
CA VAL A 303 6.78 12.17 15.17
C VAL A 303 7.67 12.62 16.33
N PHE A 304 7.10 13.28 17.33
CA PHE A 304 7.89 13.73 18.47
C PHE A 304 8.11 12.59 19.46
N LEU A 305 7.05 11.80 19.65
CA LEU A 305 7.02 10.69 20.58
C LEU A 305 7.89 9.52 20.16
N LYS A 306 8.24 9.45 18.87
CA LYS A 306 9.04 8.35 18.35
C LYS A 306 10.46 8.36 18.89
N SER A 307 10.84 9.39 19.63
CA SER A 307 12.19 9.52 20.17
C SER A 307 12.20 9.61 21.69
N GLN A 308 11.02 9.57 22.32
CA GLN A 308 10.99 9.67 23.78
C GLN A 308 10.31 8.46 24.43
N TYR A 309 10.65 8.26 25.70
CA TYR A 309 9.90 7.32 26.54
C TYR A 309 9.02 8.22 27.39
N VAL A 310 7.69 8.21 27.19
CA VAL A 310 6.89 9.17 27.95
C VAL A 310 6.05 8.48 29.03
N VAL A 311 6.08 9.11 30.20
CA VAL A 311 5.37 8.67 31.39
C VAL A 311 4.20 9.60 31.65
N PHE A 312 3.03 9.01 31.75
CA PHE A 312 1.80 9.76 32.08
C PHE A 312 1.40 9.36 33.49
N ASN A 313 1.76 10.20 34.46
CA ASN A 313 1.53 9.95 35.87
C ASN A 313 0.33 10.73 36.40
N SER A 314 -0.70 10.02 36.87
CA SER A 314 -1.89 10.67 37.38
C SER A 314 -1.64 11.46 38.67
N GLU A 315 -0.48 11.25 39.29
CA GLU A 315 -0.12 11.94 40.53
C GLU A 315 0.54 13.28 40.25
N GLY A 316 -0.24 14.35 40.42
CA GLY A 316 0.26 15.69 40.15
C GLY A 316 -0.79 16.54 39.46
N PRO A 317 -1.14 16.25 38.20
CA PRO A 317 -0.60 15.24 37.37
C PRO A 317 0.64 15.57 36.71
N LYS A 318 1.42 14.67 36.14
CA LYS A 318 2.67 15.06 35.51
C LYS A 318 3.09 14.11 34.39
N LEU A 319 3.94 14.61 33.51
CA LEU A 319 4.46 13.86 32.38
C LEU A 319 5.97 13.67 32.56
N GLY A 320 6.49 12.48 32.25
CA GLY A 320 7.92 12.26 32.37
C GLY A 320 8.49 11.96 30.99
N PHE A 321 9.72 12.41 30.73
CA PHE A 321 10.38 12.27 29.46
C PHE A 321 11.81 11.78 29.63
N ALA A 322 12.18 10.80 28.80
CA ALA A 322 13.51 10.23 28.80
C ALA A 322 13.90 9.77 27.39
N ALA A 323 15.19 9.93 27.06
CA ALA A 323 15.68 9.53 25.75
C ALA A 323 15.45 8.04 25.55
N GLN A 324 14.64 7.72 24.55
CA GLN A 324 14.38 6.33 24.21
C GLN A 324 15.65 5.51 24.08
N ALA A 325 15.63 4.29 24.59
CA ALA A 325 16.79 3.41 24.54
C ALA A 325 17.13 3.06 23.10
N SER B 1 9.20 -21.93 -39.95
CA SER B 1 9.43 -22.51 -38.64
C SER B 1 8.43 -21.99 -37.61
N LYS B 2 8.31 -22.74 -36.51
CA LYS B 2 7.45 -22.37 -35.40
C LYS B 2 7.97 -22.99 -34.11
N GLY B 3 7.46 -22.52 -32.98
CA GLY B 3 7.89 -23.03 -31.69
C GLY B 3 6.80 -22.92 -30.65
N SER B 4 7.15 -23.27 -29.42
CA SER B 4 6.24 -23.20 -28.30
C SER B 4 7.05 -23.09 -27.01
N ALA B 5 6.53 -22.39 -26.03
CA ALA B 5 7.25 -22.25 -24.77
C ALA B 5 6.29 -22.17 -23.60
N VAL B 6 6.61 -22.88 -22.53
CA VAL B 6 5.77 -22.97 -21.34
C VAL B 6 6.01 -21.78 -20.41
N THR B 7 4.92 -21.17 -19.96
CA THR B 7 5.06 -20.02 -19.07
C THR B 7 4.41 -20.34 -17.73
N THR B 8 5.21 -20.30 -16.67
CA THR B 8 4.68 -20.65 -15.36
C THR B 8 4.50 -19.44 -14.44
N PRO B 9 3.39 -19.44 -13.71
CA PRO B 9 3.13 -18.40 -12.72
C PRO B 9 4.14 -18.46 -11.58
N GLN B 10 4.03 -17.50 -10.67
CA GLN B 10 4.90 -17.43 -9.50
C GLN B 10 4.11 -17.47 -8.21
N ASN B 11 3.02 -16.71 -8.17
CA ASN B 11 2.16 -16.66 -6.99
C ASN B 11 0.94 -15.77 -7.26
N ASN B 12 -0.23 -16.25 -6.89
CA ASN B 12 -1.50 -15.54 -7.11
C ASN B 12 -1.55 -14.98 -8.52
N ASP B 13 -0.98 -15.70 -9.48
CA ASP B 13 -0.89 -15.24 -10.86
C ASP B 13 -0.36 -13.82 -10.90
N GLU B 14 0.80 -13.64 -10.27
CA GLU B 14 1.47 -12.36 -10.23
C GLU B 14 2.26 -12.12 -11.49
N GLU B 15 3.34 -12.88 -11.66
CA GLU B 15 4.21 -12.77 -12.81
C GLU B 15 4.46 -14.13 -13.45
N TYR B 16 4.19 -14.24 -14.75
CA TYR B 16 4.45 -15.47 -15.47
C TYR B 16 5.82 -15.40 -16.14
N LEU B 17 6.68 -16.36 -15.82
CA LEU B 17 8.02 -16.40 -16.38
C LEU B 17 8.14 -17.49 -17.44
N THR B 18 9.04 -17.29 -18.40
CA THR B 18 9.23 -18.18 -19.53
C THR B 18 10.73 -18.40 -19.79
N PRO B 19 11.13 -19.64 -20.00
CA PRO B 19 12.54 -19.97 -20.26
C PRO B 19 12.97 -19.47 -21.64
N VAL B 20 14.06 -18.72 -21.66
CA VAL B 20 14.58 -18.16 -22.90
C VAL B 20 16.09 -18.33 -22.94
N THR B 21 16.58 -18.82 -24.08
CA THR B 21 18.02 -18.98 -24.26
C THR B 21 18.56 -17.68 -24.82
N VAL B 22 19.29 -16.95 -23.98
CA VAL B 22 19.85 -15.66 -24.37
C VAL B 22 21.36 -15.72 -24.37
N GLY B 23 21.97 -15.70 -25.55
CA GLY B 23 23.42 -15.83 -25.63
C GLY B 23 23.76 -17.30 -25.45
N LYS B 24 24.43 -17.63 -24.34
CA LYS B 24 24.75 -19.00 -23.99
C LYS B 24 23.92 -19.47 -22.80
N SER B 25 23.45 -18.49 -22.03
CA SER B 25 22.74 -18.70 -20.79
C SER B 25 21.22 -18.78 -20.96
N THR B 26 20.62 -19.63 -20.12
CA THR B 26 19.17 -19.76 -20.11
C THR B 26 18.58 -18.87 -19.02
N LEU B 27 17.65 -18.00 -19.38
CA LEU B 27 17.06 -17.09 -18.42
C LEU B 27 15.55 -17.30 -18.35
N HIS B 28 14.96 -16.72 -17.31
CA HIS B 28 13.52 -16.77 -17.08
C HIS B 28 12.98 -15.36 -17.18
N LEU B 29 12.31 -15.10 -18.30
CA LEU B 29 11.88 -13.75 -18.59
C LEU B 29 10.36 -13.61 -18.45
N ASP B 30 9.97 -12.39 -18.19
CA ASP B 30 8.59 -11.93 -18.12
C ASP B 30 8.17 -11.48 -19.51
N PHE B 31 7.24 -12.17 -20.16
CA PHE B 31 6.83 -11.75 -21.51
C PHE B 31 5.80 -10.63 -21.40
N ASP B 32 6.16 -9.48 -21.96
CA ASP B 32 5.28 -8.33 -21.82
C ASP B 32 4.84 -7.81 -23.19
N THR B 33 3.56 -7.99 -23.49
CA THR B 33 2.99 -7.49 -24.74
C THR B 33 2.73 -5.99 -24.65
N GLY B 34 3.14 -5.39 -23.53
CA GLY B 34 2.99 -3.97 -23.32
C GLY B 34 4.31 -3.23 -23.42
N SER B 35 5.38 -3.99 -23.59
CA SER B 35 6.73 -3.47 -23.72
C SER B 35 7.36 -3.92 -25.04
N ALA B 36 8.39 -3.22 -25.48
CA ALA B 36 9.09 -3.63 -26.71
C ALA B 36 10.60 -3.71 -26.51
N ASP B 37 11.05 -3.74 -25.27
CA ASP B 37 12.47 -3.87 -24.96
C ASP B 37 12.78 -5.28 -24.46
N LEU B 38 14.01 -5.71 -24.67
CA LEU B 38 14.45 -7.02 -24.19
C LEU B 38 15.69 -6.81 -23.33
N TRP B 39 15.51 -6.58 -22.03
CA TRP B 39 16.69 -6.44 -21.17
C TRP B 39 16.79 -7.58 -20.15
N VAL B 40 18.03 -7.89 -19.79
CA VAL B 40 18.30 -8.99 -18.89
C VAL B 40 19.39 -8.66 -17.88
N PHE B 41 19.35 -9.31 -16.72
CA PHE B 41 20.46 -9.15 -15.78
C PHE B 41 21.74 -9.53 -16.51
N SER B 42 22.85 -8.85 -16.26
CA SER B 42 24.07 -9.16 -16.99
C SER B 42 25.31 -9.24 -16.11
N ASP B 43 26.37 -9.85 -16.62
CA ASP B 43 27.63 -9.98 -15.89
C ASP B 43 28.42 -8.67 -15.87
N GLU B 44 27.74 -7.57 -16.15
CA GLU B 44 28.29 -6.22 -16.16
C GLU B 44 27.98 -5.53 -14.83
N LEU B 45 27.02 -6.10 -14.11
CA LEU B 45 26.69 -5.60 -12.77
C LEU B 45 27.38 -6.46 -11.73
N PRO B 46 27.75 -5.88 -10.60
CA PRO B 46 28.52 -6.58 -9.57
C PRO B 46 27.84 -7.88 -9.16
N SER B 47 28.63 -8.79 -8.59
CA SER B 47 28.14 -10.10 -8.19
C SER B 47 27.09 -10.01 -7.07
N SER B 48 27.22 -8.99 -6.23
CA SER B 48 26.31 -8.81 -5.09
C SER B 48 24.88 -8.50 -5.50
N GLU B 49 24.67 -8.12 -6.76
CA GLU B 49 23.32 -7.79 -7.19
C GLU B 49 22.73 -8.90 -8.03
N GLN B 50 23.52 -9.93 -8.30
CA GLN B 50 23.06 -11.04 -9.12
C GLN B 50 22.47 -12.17 -8.28
N THR B 51 22.34 -11.96 -6.97
CA THR B 51 21.93 -13.03 -6.05
C THR B 51 20.52 -13.54 -6.29
N GLY B 52 20.40 -14.82 -6.62
CA GLY B 52 19.09 -15.41 -6.85
C GLY B 52 18.58 -15.17 -8.25
N HIS B 53 19.52 -14.87 -9.16
CA HIS B 53 19.19 -14.57 -10.54
C HIS B 53 20.19 -15.22 -11.49
N ASP B 54 19.70 -15.73 -12.61
CA ASP B 54 20.62 -16.12 -13.68
C ASP B 54 20.98 -14.85 -14.44
N LEU B 55 22.21 -14.74 -14.95
CA LEU B 55 22.61 -13.51 -15.63
C LEU B 55 23.04 -13.78 -17.06
N TYR B 56 22.77 -12.82 -17.94
CA TYR B 56 23.18 -12.92 -19.33
C TYR B 56 24.69 -12.89 -19.48
N THR B 57 25.21 -13.87 -20.20
CA THR B 57 26.62 -13.93 -20.54
C THR B 57 26.75 -13.98 -22.07
N PRO B 58 27.37 -12.96 -22.66
CA PRO B 58 27.49 -12.89 -24.12
C PRO B 58 28.03 -14.19 -24.72
N SER B 59 27.63 -14.51 -25.94
CA SER B 59 28.12 -15.71 -26.61
C SER B 59 29.33 -15.40 -27.49
N SER B 60 29.87 -16.42 -28.14
CA SER B 60 31.01 -16.26 -29.02
C SER B 60 30.78 -15.21 -30.10
N SER B 61 29.66 -15.37 -30.80
CA SER B 61 29.26 -14.48 -31.87
C SER B 61 28.59 -13.22 -31.36
N ALA B 62 28.71 -12.94 -30.07
CA ALA B 62 28.12 -11.75 -29.47
C ALA B 62 28.78 -10.48 -29.97
N THR B 63 27.97 -9.61 -30.57
CA THR B 63 28.47 -8.34 -31.08
C THR B 63 27.98 -7.16 -30.26
N LYS B 64 28.88 -6.56 -29.48
CA LYS B 64 28.45 -5.39 -28.72
C LYS B 64 28.31 -4.20 -29.66
N LEU B 65 27.31 -3.36 -29.41
CA LEU B 65 27.07 -2.16 -30.21
C LEU B 65 27.55 -0.92 -29.48
N SER B 66 28.81 -0.57 -29.68
CA SER B 66 29.37 0.59 -28.99
C SER B 66 28.58 1.86 -29.29
N GLY B 67 28.38 2.69 -28.26
CA GLY B 67 27.63 3.92 -28.43
C GLY B 67 26.15 3.72 -28.20
N TYR B 68 25.73 2.46 -28.14
CA TYR B 68 24.31 2.19 -27.91
C TYR B 68 23.98 2.02 -26.42
N SER B 69 22.75 2.39 -26.05
CA SER B 69 22.31 2.24 -24.68
C SER B 69 20.79 2.27 -24.58
N TRP B 70 20.29 1.88 -23.41
CA TRP B 70 18.87 1.86 -23.09
C TRP B 70 18.61 2.33 -21.66
N ASP B 71 17.41 2.83 -21.43
CA ASP B 71 17.04 3.28 -20.09
C ASP B 71 15.53 3.22 -19.90
N ILE B 72 15.09 2.73 -18.75
CA ILE B 72 13.66 2.65 -18.48
C ILE B 72 13.35 3.15 -17.09
N SER B 73 12.12 3.63 -16.89
CA SER B 73 11.69 4.15 -15.60
C SER B 73 10.19 3.93 -15.43
N TYR B 74 9.85 3.05 -14.49
CA TYR B 74 8.44 2.72 -14.29
C TYR B 74 7.78 3.68 -13.31
N GLY B 75 6.52 3.43 -12.97
CA GLY B 75 5.73 4.28 -12.10
C GLY B 75 5.90 3.97 -10.63
N ASP B 76 7.10 3.56 -10.24
CA ASP B 76 7.38 3.24 -8.85
C ASP B 76 8.84 3.57 -8.53
N GLY B 77 9.48 4.23 -9.48
CA GLY B 77 10.89 4.56 -9.34
C GLY B 77 11.75 3.40 -9.80
N SER B 78 11.13 2.23 -9.92
CA SER B 78 11.84 1.05 -10.42
C SER B 78 12.33 1.36 -11.83
N SER B 79 13.65 1.30 -12.02
CA SER B 79 14.24 1.67 -13.30
C SER B 79 15.52 0.90 -13.59
N ALA B 80 15.68 0.51 -14.85
CA ALA B 80 16.88 -0.18 -15.31
C ALA B 80 17.51 0.53 -16.51
N SER B 81 18.71 0.10 -16.86
CA SER B 81 19.45 0.66 -17.98
C SER B 81 20.76 -0.09 -18.17
N GLY B 82 21.39 0.03 -19.34
CA GLY B 82 22.65 -0.67 -19.53
C GLY B 82 23.19 -0.55 -20.94
N ASP B 83 23.97 -1.54 -21.35
CA ASP B 83 24.54 -1.56 -22.70
C ASP B 83 23.71 -2.43 -23.63
N VAL B 84 24.09 -2.48 -24.91
CA VAL B 84 23.32 -3.23 -25.90
C VAL B 84 24.17 -4.23 -26.68
N TYR B 85 23.68 -5.46 -26.73
CA TYR B 85 24.38 -6.51 -27.45
C TYR B 85 23.55 -7.08 -28.58
N ARG B 86 24.20 -7.38 -29.70
CA ARG B 86 23.58 -8.18 -30.75
C ARG B 86 23.95 -9.63 -30.43
N ASP B 87 22.97 -10.52 -30.37
CA ASP B 87 23.26 -11.90 -29.98
C ASP B 87 22.13 -12.83 -30.39
N THR B 88 22.40 -14.13 -30.30
CA THR B 88 21.42 -15.15 -30.59
C THR B 88 20.44 -15.36 -29.44
N VAL B 89 19.16 -15.44 -29.79
CA VAL B 89 18.12 -15.67 -28.80
C VAL B 89 17.16 -16.75 -29.31
N THR B 90 16.99 -17.79 -28.49
CA THR B 90 16.08 -18.87 -28.86
C THR B 90 14.91 -18.91 -27.89
N VAL B 91 13.72 -19.07 -28.45
CA VAL B 91 12.46 -19.16 -27.74
C VAL B 91 11.60 -20.26 -28.35
N GLY B 92 11.28 -21.30 -27.57
CA GLY B 92 10.50 -22.40 -28.09
C GLY B 92 11.06 -22.96 -29.38
N GLY B 93 12.39 -23.03 -29.49
CA GLY B 93 13.01 -23.58 -30.67
C GLY B 93 13.13 -22.60 -31.81
N VAL B 94 12.40 -21.49 -31.78
CA VAL B 94 12.60 -20.48 -32.82
C VAL B 94 13.87 -19.70 -32.48
N THR B 95 14.85 -19.65 -33.37
CA THR B 95 16.08 -18.98 -32.97
C THR B 95 16.62 -18.00 -34.01
N THR B 96 16.89 -16.77 -33.57
CA THR B 96 17.48 -15.72 -34.39
C THR B 96 18.87 -15.36 -33.88
N ASN B 97 19.75 -14.93 -34.79
CA ASN B 97 21.12 -14.60 -34.41
C ASN B 97 21.44 -13.12 -34.50
N LYS B 98 20.42 -12.27 -34.57
CA LYS B 98 20.71 -10.84 -34.61
C LYS B 98 19.75 -10.03 -33.77
N GLN B 99 19.36 -10.58 -32.63
CA GLN B 99 18.46 -9.87 -31.72
C GLN B 99 19.25 -8.86 -30.90
N ALA B 100 18.64 -7.70 -30.60
CA ALA B 100 19.28 -6.72 -29.75
C ALA B 100 18.93 -7.01 -28.30
N VAL B 101 19.95 -7.28 -27.51
CA VAL B 101 19.85 -7.66 -26.10
C VAL B 101 20.29 -6.52 -25.19
N GLU B 102 19.35 -6.00 -24.40
CA GLU B 102 19.69 -4.92 -23.48
C GLU B 102 20.19 -5.49 -22.16
N ALA B 103 21.51 -5.42 -21.99
CA ALA B 103 22.19 -5.93 -20.81
C ALA B 103 22.22 -4.91 -19.67
N ALA B 104 21.44 -5.14 -18.63
CA ALA B 104 21.40 -4.29 -17.45
C ALA B 104 22.80 -4.10 -16.85
N SER B 105 23.16 -2.85 -16.62
CA SER B 105 24.46 -2.53 -16.04
C SER B 105 24.27 -1.79 -14.71
N LYS B 106 23.02 -1.39 -14.50
CA LYS B 106 22.53 -0.72 -13.31
C LYS B 106 21.09 -1.14 -13.08
N ILE B 107 20.83 -1.81 -11.97
CA ILE B 107 19.46 -2.25 -11.67
C ILE B 107 18.99 -1.73 -10.32
N SER B 108 17.69 -1.40 -10.26
CA SER B 108 17.12 -0.93 -9.01
C SER B 108 16.69 -2.10 -8.13
N SER B 109 17.20 -2.14 -6.91
CA SER B 109 16.94 -3.14 -5.89
C SER B 109 15.58 -3.82 -5.95
N GLU B 110 14.49 -3.10 -6.25
CA GLU B 110 13.20 -3.76 -6.34
C GLU B 110 13.24 -4.94 -7.32
N PHE B 111 14.00 -4.78 -8.40
CA PHE B 111 14.15 -5.83 -9.39
C PHE B 111 15.09 -6.93 -8.86
N VAL B 112 16.08 -6.51 -8.09
CA VAL B 112 17.07 -7.38 -7.47
C VAL B 112 16.40 -8.30 -6.46
N GLN B 113 15.49 -7.72 -5.67
CA GLN B 113 14.76 -8.47 -4.65
C GLN B 113 13.85 -9.52 -5.28
N ASP B 114 13.12 -9.12 -6.33
CA ASP B 114 12.25 -10.07 -7.03
C ASP B 114 13.08 -11.15 -7.70
N THR B 115 13.62 -12.05 -6.87
CA THR B 115 14.47 -13.12 -7.39
C THR B 115 13.67 -14.00 -8.35
N ALA B 116 14.38 -14.79 -9.14
CA ALA B 116 13.82 -15.70 -10.15
C ALA B 116 13.56 -14.97 -11.46
N ASN B 117 13.00 -13.76 -11.41
CA ASN B 117 12.75 -12.96 -12.60
C ASN B 117 14.06 -12.38 -13.12
N ASP B 118 14.44 -12.71 -14.36
CA ASP B 118 15.72 -12.25 -14.87
C ASP B 118 15.61 -11.15 -15.91
N GLY B 119 14.40 -10.63 -16.12
CA GLY B 119 14.29 -9.56 -17.11
C GLY B 119 13.00 -9.62 -17.89
N LEU B 120 12.90 -8.80 -18.93
CA LEU B 120 11.69 -8.75 -19.74
C LEU B 120 11.94 -8.98 -21.23
N LEU B 121 10.91 -9.45 -21.90
CA LEU B 121 10.91 -9.62 -23.34
C LEU B 121 9.68 -8.93 -23.92
N GLY B 122 9.92 -7.77 -24.53
CA GLY B 122 8.86 -6.94 -25.09
C GLY B 122 8.28 -7.53 -26.37
N LEU B 123 6.95 -7.61 -26.41
CA LEU B 123 6.20 -8.19 -27.51
C LEU B 123 5.26 -7.15 -28.11
N ALA B 124 5.47 -5.89 -27.72
CA ALA B 124 4.67 -4.80 -28.26
C ALA B 124 5.30 -4.36 -29.57
N PHE B 125 4.79 -3.33 -30.23
CA PHE B 125 5.39 -2.92 -31.50
C PHE B 125 6.75 -2.26 -31.30
N SER B 126 7.64 -2.46 -32.27
CA SER B 126 9.02 -2.01 -32.18
C SER B 126 9.15 -0.50 -32.20
N SER B 127 8.10 0.21 -32.61
CA SER B 127 8.20 1.67 -32.66
C SER B 127 8.56 2.27 -31.31
N ILE B 128 8.22 1.59 -30.21
CA ILE B 128 8.48 2.20 -28.90
C ILE B 128 9.69 1.62 -28.18
N ASN B 129 10.47 0.78 -28.85
CA ASN B 129 11.72 0.27 -28.28
C ASN B 129 12.57 1.43 -27.81
N THR B 130 13.29 1.30 -26.70
CA THR B 130 14.01 2.47 -26.19
C THR B 130 15.52 2.48 -26.43
N VAL B 131 16.07 1.52 -27.16
CA VAL B 131 17.49 1.56 -27.45
C VAL B 131 17.91 2.84 -28.16
N GLN B 132 19.08 3.35 -27.82
CA GLN B 132 19.62 4.58 -28.40
C GLN B 132 21.00 4.32 -28.98
N PRO B 133 21.35 4.97 -30.08
CA PRO B 133 20.65 5.89 -30.84
C PRO B 133 19.58 5.54 -31.86
N LYS B 134 19.47 4.26 -32.20
CA LYS B 134 18.45 3.80 -33.14
C LYS B 134 17.59 2.66 -32.55
N ALA B 135 16.28 2.83 -32.55
CA ALA B 135 15.37 1.84 -32.00
C ALA B 135 15.63 0.45 -32.58
N GLN B 136 15.39 -0.60 -31.79
CA GLN B 136 15.64 -1.97 -32.24
C GLN B 136 14.34 -2.74 -32.35
N THR B 137 14.37 -3.92 -32.98
CA THR B 137 13.10 -4.64 -33.18
C THR B 137 12.85 -5.66 -32.07
N THR B 138 11.58 -5.88 -31.72
CA THR B 138 11.32 -6.87 -30.67
C THR B 138 11.65 -8.27 -31.22
N PHE B 139 11.67 -9.25 -30.33
CA PHE B 139 12.06 -10.58 -30.76
C PHE B 139 11.16 -11.08 -31.89
N PHE B 140 9.85 -10.99 -31.65
CA PHE B 140 8.83 -11.46 -32.58
C PHE B 140 8.92 -10.77 -33.94
N ASP B 141 9.21 -9.47 -33.93
CA ASP B 141 9.36 -8.66 -35.13
C ASP B 141 10.54 -9.16 -35.95
N THR B 142 11.60 -9.53 -35.25
CA THR B 142 12.87 -9.96 -35.82
C THR B 142 12.81 -11.35 -36.43
N VAL B 143 12.08 -12.29 -35.83
CA VAL B 143 12.02 -13.63 -36.40
C VAL B 143 10.70 -13.84 -37.15
N LYS B 144 9.92 -12.77 -37.22
CA LYS B 144 8.59 -12.81 -37.81
C LYS B 144 8.55 -13.54 -39.16
N SER B 145 9.49 -13.22 -40.04
CA SER B 145 9.51 -13.75 -41.41
C SER B 145 9.93 -15.21 -41.46
N GLN B 146 10.59 -15.67 -40.41
CA GLN B 146 11.04 -17.06 -40.34
C GLN B 146 9.93 -18.00 -39.90
N LEU B 147 8.84 -17.47 -39.34
CA LEU B 147 7.75 -18.33 -38.89
C LEU B 147 6.75 -18.64 -40.01
N ASP B 148 5.99 -19.70 -39.84
CA ASP B 148 5.01 -20.10 -40.85
C ASP B 148 3.91 -19.05 -40.99
N SER B 149 3.26 -18.67 -39.90
CA SER B 149 2.32 -17.56 -39.93
C SER B 149 2.92 -16.43 -39.11
N PRO B 150 2.75 -15.19 -39.51
CA PRO B 150 3.37 -14.09 -38.75
C PRO B 150 2.58 -13.69 -37.51
N LEU B 151 2.53 -14.57 -36.52
CA LEU B 151 1.77 -14.33 -35.30
C LEU B 151 2.35 -15.10 -34.11
N PHE B 152 1.77 -14.81 -32.94
CA PHE B 152 1.98 -15.63 -31.75
C PHE B 152 0.66 -15.69 -30.97
N ALA B 153 0.56 -16.70 -30.12
CA ALA B 153 -0.66 -16.89 -29.35
C ALA B 153 -0.33 -17.16 -27.88
N VAL B 154 -1.24 -16.76 -26.99
CA VAL B 154 -0.95 -16.94 -25.57
C VAL B 154 -2.09 -17.59 -24.80
N GLN B 155 -1.72 -18.61 -24.04
CA GLN B 155 -2.65 -19.28 -23.14
C GLN B 155 -2.08 -19.23 -21.72
N LEU B 156 -2.49 -18.21 -20.97
CA LEU B 156 -2.07 -18.12 -19.57
C LEU B 156 -3.09 -18.91 -18.75
N LYS B 157 -2.65 -19.48 -17.63
CA LYS B 157 -3.56 -20.26 -16.80
C LYS B 157 -3.47 -19.85 -15.33
N HIS B 158 -4.59 -20.01 -14.63
CA HIS B 158 -4.67 -19.71 -13.20
C HIS B 158 -3.85 -20.71 -12.40
N ASP B 159 -2.75 -20.26 -11.83
CA ASP B 159 -1.87 -21.09 -11.00
C ASP B 159 -1.58 -22.43 -11.68
N ALA B 160 -1.10 -22.35 -12.91
CA ALA B 160 -0.78 -23.54 -13.69
C ALA B 160 0.03 -23.15 -14.92
N PRO B 161 0.94 -24.03 -15.35
CA PRO B 161 1.75 -23.71 -16.53
C PRO B 161 0.88 -23.33 -17.74
N GLY B 162 1.30 -22.27 -18.42
CA GLY B 162 0.66 -21.83 -19.66
C GLY B 162 1.61 -22.02 -20.83
N VAL B 163 1.25 -21.47 -21.99
CA VAL B 163 2.11 -21.58 -23.16
C VAL B 163 2.07 -20.34 -24.06
N TYR B 164 3.18 -20.14 -24.74
CA TYR B 164 3.33 -19.10 -25.76
C TYR B 164 3.61 -19.76 -27.11
N ASP B 165 2.67 -19.66 -28.04
CA ASP B 165 2.84 -20.28 -29.36
C ASP B 165 3.35 -19.26 -30.37
N PHE B 166 4.48 -19.56 -30.99
CA PHE B 166 5.08 -18.72 -32.02
C PHE B 166 5.01 -19.36 -33.40
N GLY B 167 4.25 -18.75 -34.30
CA GLY B 167 4.19 -19.19 -35.69
C GLY B 167 2.97 -20.01 -36.05
N TYR B 168 2.11 -20.33 -35.08
CA TYR B 168 0.95 -21.14 -35.39
C TYR B 168 -0.12 -21.07 -34.29
N ILE B 169 -1.32 -21.46 -34.69
CA ILE B 169 -2.46 -21.59 -33.81
C ILE B 169 -2.62 -23.05 -33.42
N ASP B 170 -2.66 -23.31 -32.12
CA ASP B 170 -2.83 -24.66 -31.57
C ASP B 170 -4.31 -24.96 -31.32
N ASP B 171 -4.94 -25.54 -32.33
CA ASP B 171 -6.37 -25.79 -32.31
C ASP B 171 -6.88 -26.43 -31.02
N SER B 172 -6.05 -27.11 -30.28
CA SER B 172 -6.46 -27.78 -29.04
C SER B 172 -6.51 -26.86 -27.83
N LYS B 173 -5.69 -25.82 -27.81
CA LYS B 173 -5.63 -24.90 -26.68
C LYS B 173 -6.94 -24.13 -26.47
N TYR B 174 -7.86 -24.18 -27.42
CA TYR B 174 -9.14 -23.48 -27.24
C TYR B 174 -10.33 -24.28 -27.75
N THR B 175 -11.53 -23.72 -27.60
CA THR B 175 -12.70 -24.42 -28.12
C THR B 175 -13.53 -23.47 -28.95
N GLY B 176 -14.59 -23.95 -29.60
CA GLY B 176 -15.35 -23.05 -30.47
C GLY B 176 -14.47 -22.51 -31.57
N SER B 177 -14.67 -21.24 -31.94
CA SER B 177 -13.90 -20.64 -33.04
C SER B 177 -13.36 -19.26 -32.70
N ILE B 178 -12.20 -18.95 -33.23
CA ILE B 178 -11.52 -17.67 -33.02
C ILE B 178 -12.22 -16.49 -33.67
N THR B 179 -12.52 -15.50 -32.85
CA THR B 179 -13.14 -14.25 -33.28
C THR B 179 -12.08 -13.18 -33.42
N TYR B 180 -12.07 -12.49 -34.56
CA TYR B 180 -11.05 -11.48 -34.76
C TYR B 180 -11.61 -10.07 -34.66
N THR B 181 -10.72 -9.15 -34.29
CA THR B 181 -11.05 -7.74 -34.20
C THR B 181 -9.80 -6.91 -34.54
N ASP B 182 -9.96 -5.72 -35.09
CA ASP B 182 -8.83 -4.90 -35.50
C ASP B 182 -8.03 -4.37 -34.32
N ALA B 183 -6.71 -4.36 -34.48
CA ALA B 183 -5.78 -3.93 -33.44
C ALA B 183 -5.20 -2.55 -33.74
N ASP B 184 -5.40 -1.63 -32.80
CA ASP B 184 -4.91 -0.26 -32.90
C ASP B 184 -3.53 -0.16 -32.25
N SER B 185 -2.51 -0.07 -33.10
CA SER B 185 -1.13 0.04 -32.68
C SER B 185 -0.68 1.50 -32.63
N SER B 186 -1.65 2.39 -32.51
CA SER B 186 -1.44 3.83 -32.47
C SER B 186 -0.38 4.23 -31.45
N GLN B 187 -0.53 3.76 -30.23
CA GLN B 187 0.42 4.14 -29.18
C GLN B 187 1.50 3.08 -29.00
N GLY B 188 1.57 2.14 -29.94
CA GLY B 188 2.58 1.10 -29.95
C GLY B 188 2.15 -0.16 -29.22
N TYR B 189 0.95 -0.16 -28.65
CA TYR B 189 0.44 -1.31 -27.92
C TYR B 189 -0.54 -2.13 -28.77
N TRP B 190 -0.92 -3.29 -28.23
CA TRP B 190 -1.95 -4.07 -28.90
C TRP B 190 -3.31 -3.72 -28.28
N GLY B 191 -3.85 -2.61 -28.77
CA GLY B 191 -5.16 -2.18 -28.29
C GLY B 191 -6.27 -2.68 -29.18
N PHE B 192 -7.49 -2.69 -28.66
CA PHE B 192 -8.67 -3.01 -29.44
C PHE B 192 -9.83 -2.21 -28.87
N SER B 193 -11.02 -2.39 -29.42
CA SER B 193 -12.15 -1.61 -28.93
C SER B 193 -13.38 -2.49 -28.72
N THR B 194 -13.48 -3.02 -27.50
CA THR B 194 -14.63 -3.85 -27.17
C THR B 194 -15.90 -3.04 -27.47
N ASP B 195 -16.98 -3.73 -27.80
CA ASP B 195 -18.24 -3.06 -28.10
C ASP B 195 -19.03 -2.80 -26.84
N GLY B 196 -18.63 -3.47 -25.75
CA GLY B 196 -19.32 -3.32 -24.49
C GLY B 196 -18.88 -4.33 -23.44
N TYR B 197 -19.52 -4.26 -22.28
CA TYR B 197 -19.23 -5.13 -21.16
C TYR B 197 -20.54 -5.57 -20.51
N SER B 198 -20.51 -6.68 -19.80
CA SER B 198 -21.68 -7.17 -19.06
C SER B 198 -21.25 -7.56 -17.67
N ILE B 199 -22.09 -7.30 -16.66
CA ILE B 199 -21.70 -7.74 -15.31
C ILE B 199 -22.63 -8.86 -14.87
N GLY B 200 -22.07 -9.99 -14.47
CA GLY B 200 -22.86 -11.14 -14.10
C GLY B 200 -23.85 -11.53 -15.18
N ASP B 201 -25.13 -11.58 -14.83
CA ASP B 201 -26.19 -11.96 -15.77
C ASP B 201 -26.89 -10.72 -16.33
N GLY B 202 -26.52 -9.56 -15.81
CA GLY B 202 -27.10 -8.29 -16.24
C GLY B 202 -26.99 -8.12 -17.75
N SER B 203 -27.56 -7.04 -18.27
CA SER B 203 -27.54 -6.79 -19.71
C SER B 203 -26.22 -6.17 -20.14
N SER B 204 -25.93 -6.25 -21.44
CA SER B 204 -24.70 -5.70 -21.99
C SER B 204 -24.72 -4.17 -21.95
N SER B 205 -23.53 -3.59 -21.98
CA SER B 205 -23.41 -2.13 -21.96
C SER B 205 -23.48 -1.59 -23.38
N SER B 206 -24.01 -0.36 -23.51
CA SER B 206 -24.10 0.24 -24.84
C SER B 206 -22.85 1.08 -25.13
N SER B 207 -22.17 1.53 -24.08
CA SER B 207 -20.99 2.37 -24.24
C SER B 207 -19.69 1.55 -24.19
N GLY B 208 -19.23 1.10 -25.35
CA GLY B 208 -18.00 0.36 -25.45
C GLY B 208 -16.79 1.17 -25.01
N PHE B 209 -15.62 0.52 -24.98
CA PHE B 209 -14.41 1.22 -24.55
C PHE B 209 -13.19 0.68 -25.29
N SER B 210 -12.04 1.34 -25.10
CA SER B 210 -10.82 0.92 -25.79
C SER B 210 -9.75 0.47 -24.80
N ALA B 211 -9.13 -0.68 -25.06
CA ALA B 211 -8.13 -1.20 -24.12
C ALA B 211 -6.89 -1.76 -24.84
N ILE B 212 -5.99 -2.35 -24.05
CA ILE B 212 -4.83 -3.02 -24.61
C ILE B 212 -4.63 -4.38 -23.95
N ALA B 213 -3.89 -5.25 -24.62
CA ALA B 213 -3.65 -6.60 -24.12
C ALA B 213 -2.23 -6.74 -23.59
N ASP B 214 -2.09 -6.63 -22.27
CA ASP B 214 -0.77 -6.62 -21.64
C ASP B 214 -0.58 -7.79 -20.69
N THR B 215 0.14 -8.81 -21.16
CA THR B 215 0.40 -10.01 -20.38
C THR B 215 1.34 -9.74 -19.22
N GLY B 216 1.96 -8.57 -19.21
CA GLY B 216 2.85 -8.17 -18.15
C GLY B 216 2.13 -7.51 -16.98
N THR B 217 0.82 -7.32 -17.11
CA THR B 217 0.01 -6.71 -16.06
C THR B 217 -0.91 -7.76 -15.45
N THR B 218 -1.00 -7.81 -14.13
CA THR B 218 -1.77 -8.78 -13.38
C THR B 218 -3.27 -8.57 -13.43
N LEU B 219 -3.72 -7.35 -13.15
CA LEU B 219 -5.15 -7.11 -13.03
C LEU B 219 -5.79 -6.47 -14.24
N ILE B 220 -7.10 -6.30 -14.10
CA ILE B 220 -7.92 -5.61 -15.07
C ILE B 220 -8.13 -4.16 -14.59
N LEU B 221 -7.50 -3.22 -15.26
CA LEU B 221 -7.65 -1.80 -14.96
C LEU B 221 -8.64 -1.15 -15.91
N LEU B 222 -9.86 -0.91 -15.43
CA LEU B 222 -10.91 -0.27 -16.19
C LEU B 222 -11.21 1.10 -15.59
N ASP B 223 -12.02 1.89 -16.27
CA ASP B 223 -12.35 3.25 -15.84
C ASP B 223 -13.32 3.26 -14.66
N ASP B 224 -13.13 4.23 -13.78
CA ASP B 224 -13.84 4.39 -12.52
C ASP B 224 -15.32 4.07 -12.62
N GLU B 225 -15.98 4.60 -13.64
CA GLU B 225 -17.40 4.39 -13.86
C GLU B 225 -17.72 2.93 -14.11
N ILE B 226 -16.78 2.21 -14.70
CA ILE B 226 -16.97 0.79 -14.98
C ILE B 226 -16.66 -0.07 -13.76
N VAL B 227 -15.68 0.36 -12.96
CA VAL B 227 -15.32 -0.38 -11.74
C VAL B 227 -16.38 -0.20 -10.64
N SER B 228 -17.02 0.96 -10.61
CA SER B 228 -18.06 1.22 -9.62
C SER B 228 -19.29 0.37 -9.90
N ALA B 229 -19.61 0.27 -11.20
CA ALA B 229 -20.79 -0.49 -11.61
C ALA B 229 -20.60 -1.97 -11.26
N TYR B 230 -19.34 -2.38 -11.21
CA TYR B 230 -19.07 -3.79 -10.95
C TYR B 230 -19.21 -4.10 -9.46
N TYR B 231 -18.48 -3.35 -8.65
CA TYR B 231 -18.47 -3.60 -7.21
C TYR B 231 -19.81 -3.26 -6.55
N GLU B 232 -20.65 -2.53 -7.28
CA GLU B 232 -22.00 -2.23 -6.82
C GLU B 232 -22.87 -3.48 -6.79
N GLN B 233 -22.34 -4.60 -7.31
CA GLN B 233 -23.05 -5.87 -7.32
C GLN B 233 -22.27 -6.91 -6.53
N VAL B 234 -21.21 -6.46 -5.88
CA VAL B 234 -20.43 -7.30 -4.97
C VAL B 234 -20.77 -6.95 -3.52
N SER B 235 -21.46 -7.87 -2.83
CA SER B 235 -21.87 -7.66 -1.45
C SER B 235 -20.69 -7.31 -0.54
N GLY B 236 -20.84 -6.24 0.25
CA GLY B 236 -19.81 -5.87 1.21
C GLY B 236 -18.54 -5.36 0.58
N ALA B 237 -18.55 -5.07 -0.72
CA ALA B 237 -17.35 -4.52 -1.33
C ALA B 237 -17.08 -3.13 -0.78
N GLN B 238 -15.82 -2.73 -0.68
CA GLN B 238 -15.52 -1.38 -0.18
C GLN B 238 -14.22 -0.82 -0.76
N GLU B 239 -14.28 0.45 -1.17
CA GLU B 239 -13.11 1.10 -1.77
C GLU B 239 -12.13 1.49 -0.67
N SER B 240 -11.31 0.54 -0.26
CA SER B 240 -10.35 0.77 0.82
C SER B 240 -9.15 1.60 0.40
N TYR B 241 -9.11 2.85 0.87
CA TYR B 241 -7.97 3.71 0.55
C TYR B 241 -6.74 3.33 1.34
N GLU B 242 -6.82 2.28 2.12
CA GLU B 242 -5.73 1.74 2.92
C GLU B 242 -5.09 0.53 2.21
N ALA B 243 -5.93 -0.23 1.52
CA ALA B 243 -5.44 -1.41 0.82
C ALA B 243 -5.17 -1.08 -0.64
N GLY B 244 -5.22 0.19 -0.99
CA GLY B 244 -4.97 0.67 -2.33
C GLY B 244 -5.87 0.09 -3.40
N GLY B 245 -7.17 0.03 -3.13
CA GLY B 245 -8.10 -0.54 -4.09
C GLY B 245 -9.39 -0.99 -3.45
N TYR B 246 -10.16 -1.77 -4.20
CA TYR B 246 -11.43 -2.34 -3.81
C TYR B 246 -11.24 -3.74 -3.22
N VAL B 247 -11.95 -4.03 -2.14
CA VAL B 247 -11.85 -5.33 -1.47
C VAL B 247 -13.23 -5.79 -1.02
N PHE B 248 -13.28 -7.06 -0.62
CA PHE B 248 -14.49 -7.74 -0.19
C PHE B 248 -14.10 -9.00 0.59
N SER B 249 -15.11 -9.72 1.08
CA SER B 249 -14.89 -10.97 1.81
C SER B 249 -14.49 -12.08 0.85
N CYS B 250 -13.43 -12.79 1.19
CA CYS B 250 -12.93 -13.90 0.40
C CYS B 250 -13.99 -14.97 0.20
N SER B 251 -14.88 -15.09 1.17
CA SER B 251 -15.96 -16.07 1.07
C SER B 251 -16.92 -15.72 -0.06
N THR B 252 -16.85 -14.47 -0.50
CA THR B 252 -17.71 -13.92 -1.53
C THR B 252 -17.36 -14.44 -2.92
N ASP B 253 -18.39 -14.94 -3.61
CA ASP B 253 -18.25 -15.34 -5.01
C ASP B 253 -18.92 -14.28 -5.89
N LEU B 254 -18.10 -13.29 -6.22
CA LEU B 254 -18.47 -12.16 -7.05
C LEU B 254 -18.95 -12.67 -8.41
N PRO B 255 -19.59 -11.83 -9.22
CA PRO B 255 -20.11 -12.29 -10.51
C PRO B 255 -19.09 -12.24 -11.63
N ASP B 256 -19.38 -12.95 -12.73
CA ASP B 256 -18.47 -12.92 -13.86
C ASP B 256 -18.41 -11.51 -14.46
N PHE B 257 -17.35 -11.27 -15.21
CA PHE B 257 -17.19 -10.03 -15.96
C PHE B 257 -17.08 -10.38 -17.44
N THR B 258 -17.94 -9.78 -18.27
CA THR B 258 -17.90 -10.08 -19.68
C THR B 258 -17.51 -8.84 -20.51
N VAL B 259 -16.55 -9.03 -21.40
CA VAL B 259 -16.12 -8.09 -22.40
C VAL B 259 -16.70 -8.51 -23.76
N VAL B 260 -17.56 -7.70 -24.34
CA VAL B 260 -18.20 -8.08 -25.61
C VAL B 260 -17.34 -7.68 -26.80
N ILE B 261 -16.84 -8.67 -27.55
CA ILE B 261 -16.03 -8.43 -28.73
C ILE B 261 -16.80 -8.80 -29.99
N GLY B 262 -17.54 -7.83 -30.54
CA GLY B 262 -18.37 -8.07 -31.71
C GLY B 262 -19.52 -9.00 -31.36
N ASP B 263 -19.40 -10.26 -31.79
CA ASP B 263 -20.37 -11.28 -31.46
C ASP B 263 -19.88 -12.12 -30.28
N TYR B 264 -18.58 -12.20 -30.14
CA TYR B 264 -17.94 -13.01 -29.11
C TYR B 264 -18.09 -12.39 -27.72
N LYS B 265 -18.39 -13.26 -26.76
CA LYS B 265 -18.45 -12.82 -25.37
C LYS B 265 -17.27 -13.42 -24.60
N ALA B 266 -16.25 -12.60 -24.34
CA ALA B 266 -15.11 -13.05 -23.55
C ALA B 266 -15.47 -13.00 -22.07
N VAL B 267 -15.72 -14.17 -21.49
CA VAL B 267 -16.19 -14.21 -20.10
C VAL B 267 -15.07 -14.49 -19.10
N VAL B 268 -14.96 -13.60 -18.12
CA VAL B 268 -14.05 -13.79 -17.01
C VAL B 268 -14.89 -14.29 -15.83
N PRO B 269 -14.57 -15.48 -15.33
CA PRO B 269 -15.36 -16.13 -14.28
C PRO B 269 -15.19 -15.41 -12.94
N GLY B 270 -16.27 -15.36 -12.16
CA GLY B 270 -16.27 -14.64 -10.90
C GLY B 270 -15.08 -15.03 -10.04
N LYS B 271 -14.79 -16.33 -10.02
CA LYS B 271 -13.67 -16.87 -9.25
C LYS B 271 -12.40 -16.06 -9.44
N TYR B 272 -12.06 -15.73 -10.68
CA TYR B 272 -10.82 -15.00 -10.99
C TYR B 272 -10.85 -13.55 -10.51
N ILE B 273 -12.03 -12.94 -10.40
CA ILE B 273 -12.02 -11.56 -9.91
C ILE B 273 -11.64 -11.51 -8.43
N ASN B 274 -11.71 -12.67 -7.78
CA ASN B 274 -11.25 -12.73 -6.38
C ASN B 274 -9.75 -13.00 -6.41
N TYR B 275 -8.98 -11.92 -6.46
CA TYR B 275 -7.55 -12.04 -6.67
C TYR B 275 -6.81 -12.73 -5.54
N ALA B 276 -6.66 -12.05 -4.40
CA ALA B 276 -5.88 -12.60 -3.30
C ALA B 276 -6.28 -12.01 -1.95
N PRO B 277 -5.87 -12.66 -0.86
CA PRO B 277 -6.12 -12.11 0.48
C PRO B 277 -5.32 -10.82 0.66
N VAL B 278 -5.93 -9.82 1.27
CA VAL B 278 -5.25 -8.52 1.40
C VAL B 278 -3.97 -8.63 2.22
N SER B 279 -3.85 -9.70 3.00
CA SER B 279 -2.64 -10.00 3.75
C SER B 279 -2.51 -11.50 4.00
N THR B 280 -1.34 -11.90 4.47
CA THR B 280 -1.05 -13.30 4.78
C THR B 280 -2.17 -13.96 5.59
N GLY B 281 -3.05 -14.69 4.90
CA GLY B 281 -4.14 -15.39 5.58
C GLY B 281 -5.22 -14.47 6.09
N SER B 282 -5.52 -13.40 5.34
CA SER B 282 -6.59 -12.50 5.76
C SER B 282 -7.94 -13.04 5.31
N SER B 283 -9.01 -12.48 5.86
CA SER B 283 -10.34 -12.92 5.44
C SER B 283 -10.97 -11.90 4.49
N THR B 284 -10.30 -10.77 4.32
CA THR B 284 -10.73 -9.77 3.36
C THR B 284 -9.89 -9.90 2.09
N CYS B 285 -10.54 -10.02 0.93
CA CYS B 285 -9.79 -10.24 -0.29
C CYS B 285 -9.81 -9.06 -1.25
N TYR B 286 -8.72 -8.94 -2.01
CA TYR B 286 -8.56 -7.86 -2.99
C TYR B 286 -9.18 -8.25 -4.33
N GLY B 287 -9.96 -7.34 -4.92
CA GLY B 287 -10.63 -7.58 -6.19
C GLY B 287 -9.71 -7.57 -7.40
N GLY B 288 -10.04 -8.37 -8.40
CA GLY B 288 -9.27 -8.49 -9.63
C GLY B 288 -9.44 -7.31 -10.57
N ILE B 289 -10.59 -6.64 -10.50
CA ILE B 289 -10.84 -5.42 -11.26
C ILE B 289 -10.60 -4.19 -10.38
N GLN B 290 -9.72 -3.30 -10.83
CA GLN B 290 -9.49 -2.08 -10.10
C GLN B 290 -9.53 -0.89 -11.07
N SER B 291 -9.14 0.29 -10.62
CA SER B 291 -9.21 1.52 -11.40
C SER B 291 -7.94 1.80 -12.17
N ASN B 292 -8.04 2.68 -13.16
CA ASN B 292 -6.89 3.00 -13.97
C ASN B 292 -6.45 4.47 -13.86
N SER B 293 -7.13 5.22 -13.00
CA SER B 293 -6.94 6.64 -12.76
C SER B 293 -5.47 7.08 -12.88
N GLY B 294 -4.59 6.27 -12.30
CA GLY B 294 -3.17 6.58 -12.36
C GLY B 294 -2.61 6.67 -13.76
N LEU B 295 -3.34 6.19 -14.76
CA LEU B 295 -2.82 6.27 -16.13
C LEU B 295 -3.91 6.47 -17.16
N GLY B 296 -5.19 6.51 -16.82
CA GLY B 296 -6.25 6.71 -17.78
C GLY B 296 -6.36 5.71 -18.91
N LEU B 297 -5.39 4.87 -19.14
CA LEU B 297 -5.25 3.81 -20.12
C LEU B 297 -5.87 2.52 -19.58
N SER B 298 -6.93 2.07 -20.22
CA SER B 298 -7.63 0.84 -19.86
C SER B 298 -6.73 -0.36 -20.17
N ILE B 299 -6.50 -1.23 -19.19
CA ILE B 299 -5.64 -2.38 -19.41
C ILE B 299 -6.35 -3.69 -19.10
N LEU B 300 -6.01 -4.72 -19.87
CA LEU B 300 -6.58 -6.04 -19.67
C LEU B 300 -5.46 -7.07 -19.51
N GLY B 301 -5.06 -7.40 -18.29
CA GLY B 301 -3.93 -8.30 -18.18
C GLY B 301 -3.96 -9.42 -17.20
N ASP B 302 -3.76 -10.65 -17.66
CA ASP B 302 -3.61 -11.81 -16.79
C ASP B 302 -4.95 -12.23 -16.20
N VAL B 303 -5.53 -11.44 -15.31
CA VAL B 303 -6.84 -11.80 -14.75
C VAL B 303 -7.84 -12.07 -15.86
N PHE B 304 -7.77 -11.27 -16.92
CA PHE B 304 -8.64 -11.42 -18.08
C PHE B 304 -8.14 -12.51 -19.03
N LEU B 305 -6.85 -12.47 -19.29
CA LEU B 305 -6.23 -13.37 -20.25
C LEU B 305 -6.28 -14.83 -19.80
N LYS B 306 -6.43 -15.03 -18.49
CA LYS B 306 -6.43 -16.39 -17.94
C LYS B 306 -7.69 -17.15 -18.30
N SER B 307 -8.63 -16.48 -18.96
CA SER B 307 -9.83 -17.20 -19.40
C SER B 307 -9.84 -17.41 -20.90
N GLN B 308 -8.85 -16.85 -21.61
CA GLN B 308 -8.89 -16.88 -23.06
C GLN B 308 -7.63 -17.40 -23.74
N TYR B 309 -7.84 -17.82 -24.98
CA TYR B 309 -6.79 -18.11 -25.94
C TYR B 309 -6.64 -16.84 -26.76
N VAL B 310 -5.46 -16.20 -26.75
CA VAL B 310 -5.39 -14.93 -27.47
C VAL B 310 -4.33 -14.94 -28.57
N VAL B 311 -4.75 -14.56 -29.77
CA VAL B 311 -3.87 -14.55 -30.93
C VAL B 311 -3.47 -13.15 -31.35
N PHE B 312 -2.18 -12.87 -31.33
CA PHE B 312 -1.60 -11.60 -31.74
C PHE B 312 -1.06 -11.72 -33.17
N ASN B 313 -1.83 -11.19 -34.11
CA ASN B 313 -1.53 -11.30 -35.53
C ASN B 313 -1.06 -10.00 -36.15
N SER B 314 0.20 -9.96 -36.55
CA SER B 314 0.81 -8.78 -37.16
C SER B 314 0.18 -8.35 -38.48
N GLU B 315 -0.68 -9.17 -39.06
CA GLU B 315 -1.35 -8.84 -40.32
C GLU B 315 -2.71 -8.20 -40.09
N GLY B 316 -2.75 -6.87 -40.27
CA GLY B 316 -3.97 -6.14 -40.04
C GLY B 316 -3.63 -4.79 -39.42
N PRO B 317 -3.05 -4.78 -38.22
CA PRO B 317 -2.77 -5.98 -37.41
C PRO B 317 -4.01 -6.39 -36.75
N LYS B 318 -4.16 -7.56 -36.14
CA LYS B 318 -5.44 -7.90 -35.51
C LYS B 318 -5.29 -8.85 -34.32
N LEU B 319 -6.34 -8.91 -33.50
CA LEU B 319 -6.38 -9.74 -32.31
C LEU B 319 -7.48 -10.79 -32.40
N GLY B 320 -7.13 -12.05 -32.13
CA GLY B 320 -8.15 -13.09 -32.15
C GLY B 320 -8.42 -13.60 -30.75
N PHE B 321 -9.68 -13.92 -30.46
CA PHE B 321 -10.14 -14.37 -29.16
C PHE B 321 -11.00 -15.63 -29.26
N ALA B 322 -10.75 -16.56 -28.34
CA ALA B 322 -11.50 -17.79 -28.18
C ALA B 322 -11.37 -18.31 -26.75
N ALA B 323 -12.39 -19.00 -26.30
CA ALA B 323 -12.40 -19.54 -24.94
C ALA B 323 -11.38 -20.66 -24.78
N GLN B 324 -10.75 -20.73 -23.62
CA GLN B 324 -9.78 -21.78 -23.33
C GLN B 324 -10.43 -23.15 -23.28
N ALA B 325 -9.65 -24.18 -23.66
CA ALA B 325 -10.17 -25.53 -23.65
C ALA B 325 -10.23 -26.06 -22.21
C1 MAN C . 20.28 23.99 2.50
C2 MAN C . 21.06 24.96 3.35
C3 MAN C . 21.57 26.12 2.47
C4 MAN C . 22.35 25.57 1.26
C5 MAN C . 21.51 24.50 0.49
C6 MAN C . 22.28 23.86 -0.66
O2 MAN C . 22.16 24.29 3.95
O3 MAN C . 22.43 26.97 3.24
O4 MAN C . 22.63 26.66 0.38
O5 MAN C . 21.07 23.47 1.41
O6 MAN C . 22.19 24.72 -1.80
C1 MAN D . -19.64 -15.67 27.81
C2 MAN D . -19.24 -17.12 27.97
C3 MAN D . -18.42 -17.25 29.26
C4 MAN D . -17.19 -16.31 29.20
C5 MAN D . -17.62 -14.86 28.90
C6 MAN D . -16.41 -13.98 28.56
O2 MAN D . -18.41 -17.48 26.86
O3 MAN D . -17.97 -18.59 29.45
O4 MAN D . -16.52 -16.37 30.44
O5 MAN D . -18.54 -14.77 27.77
O6 MAN D . -15.61 -14.61 27.55
ZN ZN E . 1.15 -5.80 40.29
ZN ZN F . 20.89 15.10 15.41
ZN ZN G . -8.13 -6.24 14.02
ZN ZN H . -5.65 12.07 19.51
C1 MAN I . -24.15 -9.86 -2.55
C2 MAN I . -25.29 -9.36 -3.40
C3 MAN I . -26.59 -9.52 -2.61
C4 MAN I . -26.78 -10.95 -2.10
C5 MAN I . -25.53 -11.49 -1.36
C6 MAN I . -25.61 -12.98 -1.10
O2 MAN I . -25.36 -10.09 -4.62
O3 MAN I . -27.70 -9.13 -3.42
O4 MAN I . -27.89 -10.97 -1.20
O5 MAN I . -24.32 -11.23 -2.11
O6 MAN I . -26.43 -13.25 0.05
C1 MAN J . 29.75 -19.43 -30.17
C2 MAN J . 28.49 -19.77 -30.91
C3 MAN J . 27.23 -19.29 -30.18
C4 MAN J . 27.30 -19.64 -28.68
C5 MAN J . 28.63 -19.15 -28.06
C6 MAN J . 28.74 -19.53 -26.58
O2 MAN J . 28.41 -21.19 -31.11
O3 MAN J . 26.09 -19.92 -30.75
O4 MAN J . 26.22 -19.01 -28.02
O5 MAN J . 29.75 -19.73 -28.78
O6 MAN J . 27.86 -20.64 -26.31
ZN ZN K . 16.27 -17.83 -14.01
ZN ZN L . 8.17 -23.46 -40.45
ZN ZN M . -25.98 -0.48 -3.77
ZN ZN N . 3.08 -4.54 -19.75
#